data_1LOH
#
_entry.id   1LOH
#
_cell.length_a   83.700
_cell.length_b   103.570
_cell.length_c   101.269
_cell.angle_alpha   90.00
_cell.angle_beta   90.00
_cell.angle_gamma   90.00
#
_symmetry.space_group_name_H-M   'P 21 21 21'
#
loop_
_entity.id
_entity.type
_entity.pdbx_description
1 polymer 'Hyaluronate Lyase'
2 branched 'beta-D-glucopyranuronic acid-(1-3)-2-acetamido-2-deoxy-beta-D-glucopyranose-(1-4)-beta-D-glucopyranuronic acid-(1-3)-2-acetamido-2-deoxy-beta-D-glucopyranose-(1-4)-beta-D-glucopyranuronic acid-(1-3)-2-acetamido-2-deoxy-beta-D-glucopyranose'
3 water water
#
_entity_poly.entity_id   1
_entity_poly.type   'polypeptide(L)'
_entity_poly.pdbx_seq_one_letter_code
;VKDTYTDRLDDWNGIIAGNQYYDSKNDQMAKLNQELEGKVADSLSSISSQADRIYLWEKFSNYKTSANLTATYRKLEEMA
KQVTNPSSRYYQDETVVRTVRDSMEWMHKHVYNSEKSIVGNWWDYEIGTPRAINNTLSLMKEYFSDEEIKKYTDVIEKFV
PDPEHFRKTTDNPFKALGGNLVDMGRVKVIAGLLRKDDQEISSTIRSIEQVFKLVDQGEGFYQDGSYIDHTNVAYTGAFG
NVLIDGLSQLLPVIQKTKNPIDKDKMQTMYHWIDKSFAPLLVNGELMDMSRGRSISRANSEGHVAAVEVLRGIHRIADMS
EGETKQRLQSLVKTIVQSDSYYDVFKNLKTYKDISLMQSLLSDAGVASVPRTSYLSAFNKMDKTAMYNAEKGFGFGLSLF
SSRTLNYEHMNKENKRGWYTSDGMFYLYNGDLSHYSDGYWPTVNPYKMPGTTETDAKRADSDTGKVLPSAFVGTSKLDDA
NATATMDFTNWNQTLTAHKSWFMLKDKIAFLGSNIQNTSTDTAATTIDQRKLESSNPYKVYVNDKEASLTEQEKDYPETQ
SVFLESSDSKKNIGYFFFKKSSISMSKALQKGAWKDINEGQSDKEVENEFLTISQAHKQNGDSYGYMLIPNVDRATFNQM
IKELESSLIENNETLQSVYDAKQGVWGIVKYDDSVSTISNQFQVLKRGVYTIRKEGDEYKIAYYNPETQESAPDQEVFKK
L
;
_entity_poly.pdbx_strand_id   A
#
loop_
_chem_comp.id
_chem_comp.type
_chem_comp.name
_chem_comp.formula
BDP D-saccharide, beta linking 'beta-D-glucopyranuronic acid' 'C6 H10 O7'
NAG D-saccharide, beta linking 2-acetamido-2-deoxy-beta-D-glucopyranose 'C8 H15 N O6'
#
# COMPACT_ATOMS: atom_id res chain seq x y z
N VAL A 1 -33.99 8.48 -30.19
CA VAL A 1 -33.26 9.63 -29.58
C VAL A 1 -32.66 9.24 -28.22
N LYS A 2 -32.17 10.24 -27.48
CA LYS A 2 -31.59 9.99 -26.17
C LYS A 2 -31.77 11.10 -25.14
N ASP A 3 -31.04 11.03 -24.02
CA ASP A 3 -31.27 11.98 -22.95
C ASP A 3 -30.09 12.34 -22.05
N THR A 4 -30.44 12.89 -20.88
CA THR A 4 -29.45 13.29 -19.87
C THR A 4 -28.75 12.07 -19.29
N TYR A 5 -29.35 10.90 -19.47
CA TYR A 5 -28.74 9.68 -18.97
C TYR A 5 -27.54 9.37 -19.85
N THR A 6 -27.74 9.46 -21.16
CA THR A 6 -26.68 9.20 -22.10
C THR A 6 -25.62 10.31 -21.98
N ASP A 7 -26.07 11.49 -21.58
CA ASP A 7 -25.18 12.63 -21.38
C ASP A 7 -24.20 12.27 -20.29
N ARG A 8 -24.70 11.60 -19.27
CA ARG A 8 -23.88 11.20 -18.15
C ARG A 8 -22.96 10.08 -18.60
N LEU A 9 -23.48 9.16 -19.41
CA LEU A 9 -22.68 8.03 -19.88
C LEU A 9 -21.62 8.53 -20.87
N ASP A 10 -21.92 9.64 -21.54
CA ASP A 10 -20.95 10.23 -22.45
C ASP A 10 -19.81 10.73 -21.57
N ASP A 11 -20.16 11.38 -20.47
CA ASP A 11 -19.17 11.88 -19.53
C ASP A 11 -18.34 10.73 -18.98
N TRP A 12 -19.01 9.64 -18.65
CA TRP A 12 -18.35 8.47 -18.09
C TRP A 12 -17.33 7.87 -19.07
N ASN A 13 -17.70 7.83 -20.35
CA ASN A 13 -16.82 7.29 -21.39
C ASN A 13 -15.54 8.11 -21.51
N GLY A 14 -15.67 9.43 -21.40
CA GLY A 14 -14.52 10.31 -21.51
C GLY A 14 -13.58 10.11 -20.35
N ILE A 15 -14.13 9.64 -19.24
CA ILE A 15 -13.35 9.39 -18.03
C ILE A 15 -12.70 8.03 -18.11
N ILE A 16 -13.47 7.03 -18.51
CA ILE A 16 -12.96 5.67 -18.55
C ILE A 16 -12.19 5.30 -19.81
N ALA A 17 -12.43 6.01 -20.91
CA ALA A 17 -11.70 5.71 -22.13
C ALA A 17 -10.97 6.97 -22.60
N GLY A 18 -11.73 8.05 -22.74
CA GLY A 18 -11.16 9.32 -23.17
C GLY A 18 -10.85 9.33 -24.65
N ASN A 19 -11.63 8.59 -25.43
CA ASN A 19 -11.40 8.53 -26.87
C ASN A 19 -11.50 9.92 -27.47
N GLN A 20 -12.37 10.75 -26.89
CA GLN A 20 -12.54 12.09 -27.40
C GLN A 20 -11.32 12.99 -27.20
N TYR A 21 -10.34 12.52 -26.42
CA TYR A 21 -9.13 13.30 -26.17
C TYR A 21 -7.94 12.74 -26.91
N TYR A 22 -8.14 11.65 -27.65
CA TYR A 22 -7.02 11.03 -28.35
C TYR A 22 -6.37 11.94 -29.40
N ASP A 23 -5.06 11.82 -29.51
CA ASP A 23 -4.29 12.61 -30.46
C ASP A 23 -3.14 11.73 -30.90
N SER A 24 -3.17 11.31 -32.16
CA SER A 24 -2.12 10.43 -32.69
C SER A 24 -0.73 11.06 -32.62
N LYS A 25 -0.65 12.39 -32.66
CA LYS A 25 0.64 13.05 -32.60
C LYS A 25 1.18 13.07 -31.17
N ASN A 26 0.34 12.63 -30.23
CA ASN A 26 0.72 12.57 -28.82
C ASN A 26 1.40 11.25 -28.53
N ASP A 27 2.69 11.31 -28.26
CA ASP A 27 3.52 10.14 -27.97
C ASP A 27 2.92 9.16 -26.94
N GLN A 28 2.58 9.68 -25.77
CA GLN A 28 2.04 8.86 -24.69
C GLN A 28 0.71 8.20 -25.04
N MET A 29 -0.20 8.97 -25.62
CA MET A 29 -1.50 8.44 -26.00
C MET A 29 -1.40 7.37 -27.07
N ALA A 30 -0.58 7.64 -28.09
CA ALA A 30 -0.40 6.69 -29.17
C ALA A 30 0.08 5.35 -28.63
N LYS A 31 0.90 5.41 -27.58
CA LYS A 31 1.45 4.21 -26.97
C LYS A 31 0.39 3.35 -26.28
N LEU A 32 -0.58 4.00 -25.63
CA LEU A 32 -1.67 3.31 -24.94
C LEU A 32 -2.62 2.74 -25.99
N ASN A 33 -2.89 3.53 -27.01
CA ASN A 33 -3.77 3.11 -28.08
C ASN A 33 -3.18 1.90 -28.79
N GLN A 34 -1.86 1.87 -28.90
CA GLN A 34 -1.21 0.76 -29.55
C GLN A 34 -1.35 -0.49 -28.67
N GLU A 35 -1.33 -0.27 -27.35
CA GLU A 35 -1.47 -1.36 -26.41
C GLU A 35 -2.88 -1.96 -26.53
N LEU A 36 -3.88 -1.09 -26.68
CA LEU A 36 -5.26 -1.53 -26.82
C LEU A 36 -5.50 -2.18 -28.19
N GLU A 37 -4.75 -1.74 -29.21
CA GLU A 37 -4.88 -2.29 -30.56
C GLU A 37 -4.40 -3.74 -30.56
N GLY A 38 -3.29 -3.97 -29.86
CA GLY A 38 -2.73 -5.31 -29.78
C GLY A 38 -3.60 -6.26 -28.97
N LYS A 39 -4.26 -5.74 -27.93
CA LYS A 39 -5.11 -6.58 -27.09
C LYS A 39 -6.27 -7.08 -27.92
N VAL A 40 -7.02 -6.15 -28.50
CA VAL A 40 -8.18 -6.48 -29.33
C VAL A 40 -7.84 -7.48 -30.44
N ALA A 41 -6.69 -7.29 -31.07
CA ALA A 41 -6.26 -8.20 -32.12
C ALA A 41 -6.01 -9.60 -31.56
N ASP A 42 -5.37 -9.66 -30.40
CA ASP A 42 -5.09 -10.95 -29.78
C ASP A 42 -6.42 -11.62 -29.42
N SER A 43 -7.33 -10.84 -28.88
CA SER A 43 -8.64 -11.32 -28.47
C SER A 43 -9.44 -11.77 -29.69
N LEU A 44 -9.35 -11.00 -30.76
CA LEU A 44 -10.08 -11.31 -31.98
C LEU A 44 -9.56 -12.54 -32.74
N SER A 45 -8.27 -12.80 -32.65
CA SER A 45 -7.68 -13.93 -33.35
C SER A 45 -7.67 -15.22 -32.53
N SER A 46 -8.08 -15.13 -31.27
CA SER A 46 -8.09 -16.29 -30.38
C SER A 46 -9.52 -16.67 -29.99
N ILE A 47 -10.46 -15.76 -30.23
CA ILE A 47 -11.85 -16.04 -29.88
C ILE A 47 -12.35 -17.25 -30.68
N SER A 48 -12.96 -18.19 -29.98
CA SER A 48 -13.49 -19.40 -30.60
C SER A 48 -14.69 -19.09 -31.49
N SER A 49 -14.78 -19.79 -32.62
CA SER A 49 -15.88 -19.58 -33.54
C SER A 49 -16.54 -20.86 -34.00
N GLN A 50 -17.56 -20.68 -34.86
CA GLN A 50 -18.34 -21.76 -35.45
C GLN A 50 -19.02 -22.72 -34.48
N ALA A 51 -20.30 -22.99 -34.76
CA ALA A 51 -21.13 -23.91 -33.98
C ALA A 51 -20.94 -23.72 -32.47
N ASP A 52 -21.66 -22.75 -31.91
CA ASP A 52 -21.59 -22.42 -30.49
C ASP A 52 -20.63 -23.30 -29.71
N ARG A 53 -19.54 -22.69 -29.26
CA ARG A 53 -18.50 -23.39 -28.52
C ARG A 53 -18.82 -23.55 -27.04
N ILE A 54 -17.86 -24.08 -26.30
CA ILE A 54 -18.00 -24.28 -24.86
C ILE A 54 -17.29 -23.17 -24.09
N TYR A 55 -16.64 -22.28 -24.81
CA TYR A 55 -15.88 -21.17 -24.23
C TYR A 55 -15.64 -20.09 -25.28
N LEU A 56 -15.63 -18.82 -24.86
CA LEU A 56 -15.37 -17.74 -25.81
C LEU A 56 -13.88 -17.72 -26.06
N TRP A 57 -13.12 -17.82 -24.99
CA TRP A 57 -11.67 -17.84 -25.08
C TRP A 57 -11.16 -19.01 -24.27
N GLU A 58 -10.42 -19.90 -24.92
CA GLU A 58 -9.86 -21.08 -24.26
C GLU A 58 -9.15 -20.80 -22.94
N LYS A 59 -8.54 -19.62 -22.81
CA LYS A 59 -7.82 -19.25 -21.60
C LYS A 59 -8.75 -18.99 -20.41
N PHE A 60 -9.99 -18.62 -20.71
CA PHE A 60 -10.98 -18.35 -19.67
C PHE A 60 -12.25 -19.12 -19.98
N SER A 61 -12.08 -20.43 -20.16
CA SER A 61 -13.17 -21.34 -20.51
C SER A 61 -13.96 -21.83 -19.29
N ASN A 62 -13.24 -22.33 -18.29
CA ASN A 62 -13.83 -22.84 -17.06
C ASN A 62 -14.74 -21.82 -16.39
N TYR A 63 -16.03 -21.82 -16.76
CA TYR A 63 -16.98 -20.87 -16.19
C TYR A 63 -17.33 -21.14 -14.72
N LYS A 64 -16.58 -22.04 -14.09
CA LYS A 64 -16.78 -22.36 -12.67
C LYS A 64 -15.82 -21.49 -11.87
N THR A 65 -14.81 -20.96 -12.56
CA THR A 65 -13.83 -20.05 -11.95
C THR A 65 -14.38 -18.65 -12.24
N SER A 66 -14.95 -18.00 -11.24
CA SER A 66 -15.53 -16.68 -11.42
C SER A 66 -14.57 -15.72 -12.11
N ALA A 67 -13.27 -15.90 -11.89
CA ALA A 67 -12.27 -15.05 -12.51
C ALA A 67 -12.46 -14.96 -14.03
N ASN A 68 -12.59 -16.12 -14.68
CA ASN A 68 -12.78 -16.19 -16.13
C ASN A 68 -14.00 -15.41 -16.60
N LEU A 69 -14.89 -15.09 -15.66
CA LEU A 69 -16.10 -14.34 -15.99
C LEU A 69 -15.78 -12.89 -16.34
N THR A 70 -15.13 -12.18 -15.42
CA THR A 70 -14.80 -10.78 -15.64
C THR A 70 -13.62 -10.57 -16.60
N ALA A 71 -12.75 -11.56 -16.73
CA ALA A 71 -11.62 -11.47 -17.64
C ALA A 71 -12.15 -11.54 -19.07
N THR A 72 -13.27 -12.23 -19.23
CA THR A 72 -13.90 -12.40 -20.52
C THR A 72 -14.62 -11.12 -20.91
N TYR A 73 -15.38 -10.55 -19.97
CA TYR A 73 -16.12 -9.33 -20.23
C TYR A 73 -15.20 -8.11 -20.42
N ARG A 74 -14.02 -8.20 -19.81
CA ARG A 74 -13.05 -7.13 -19.91
C ARG A 74 -12.48 -7.10 -21.31
N LYS A 75 -12.43 -8.27 -21.94
CA LYS A 75 -11.92 -8.39 -23.31
C LYS A 75 -12.88 -7.69 -24.28
N LEU A 76 -14.18 -7.71 -23.97
CA LEU A 76 -15.18 -7.06 -24.82
C LEU A 76 -15.18 -5.55 -24.61
N GLU A 77 -14.82 -5.17 -23.41
CA GLU A 77 -14.74 -3.76 -23.04
C GLU A 77 -13.59 -3.12 -23.80
N GLU A 78 -12.49 -3.86 -23.92
CA GLU A 78 -11.34 -3.39 -24.64
C GLU A 78 -11.75 -3.16 -26.10
N MET A 79 -12.57 -4.08 -26.62
CA MET A 79 -13.07 -3.99 -27.98
C MET A 79 -13.99 -2.80 -28.14
N ALA A 80 -14.70 -2.47 -27.06
CA ALA A 80 -15.64 -1.35 -27.06
C ALA A 80 -14.89 -0.03 -27.14
N LYS A 81 -13.72 0.01 -26.51
CA LYS A 81 -12.91 1.22 -26.51
C LYS A 81 -12.37 1.52 -27.91
N GLN A 82 -11.75 0.51 -28.53
CA GLN A 82 -11.18 0.65 -29.86
C GLN A 82 -12.21 0.87 -30.95
N VAL A 83 -13.36 0.22 -30.83
CA VAL A 83 -14.41 0.35 -31.81
C VAL A 83 -15.01 1.76 -31.85
N THR A 84 -14.78 2.52 -30.78
CA THR A 84 -15.29 3.89 -30.71
C THR A 84 -14.16 4.91 -30.74
N ASN A 85 -12.98 4.46 -31.17
CA ASN A 85 -11.78 5.31 -31.26
C ASN A 85 -11.50 5.54 -32.76
N PRO A 86 -11.84 6.74 -33.27
CA PRO A 86 -11.62 7.06 -34.69
C PRO A 86 -10.23 6.75 -35.23
N SER A 87 -9.24 6.68 -34.34
CA SER A 87 -7.88 6.40 -34.75
C SER A 87 -7.52 4.93 -34.65
N SER A 88 -8.46 4.11 -34.21
CA SER A 88 -8.20 2.67 -34.11
C SER A 88 -8.48 1.99 -35.45
N ARG A 89 -7.70 0.95 -35.73
CA ARG A 89 -7.88 0.19 -36.95
C ARG A 89 -9.17 -0.60 -36.82
N TYR A 90 -9.79 -0.54 -35.64
CA TYR A 90 -11.03 -1.25 -35.39
C TYR A 90 -12.20 -0.30 -35.29
N TYR A 91 -11.96 0.97 -35.58
CA TYR A 91 -13.02 1.95 -35.51
C TYR A 91 -14.20 1.52 -36.36
N GLN A 92 -15.37 1.40 -35.73
CA GLN A 92 -16.61 1.00 -36.40
C GLN A 92 -16.48 -0.25 -37.26
N ASP A 93 -15.57 -1.15 -36.89
CA ASP A 93 -15.36 -2.38 -37.62
C ASP A 93 -16.57 -3.32 -37.43
N GLU A 94 -17.20 -3.70 -38.55
CA GLU A 94 -18.38 -4.57 -38.54
C GLU A 94 -18.17 -5.86 -37.76
N THR A 95 -17.00 -6.46 -37.93
CA THR A 95 -16.69 -7.69 -37.24
C THR A 95 -16.58 -7.45 -35.73
N VAL A 96 -15.87 -6.40 -35.34
CA VAL A 96 -15.69 -6.10 -33.93
C VAL A 96 -17.00 -5.69 -33.26
N VAL A 97 -17.88 -5.04 -34.02
CA VAL A 97 -19.17 -4.62 -33.47
C VAL A 97 -20.03 -5.87 -33.22
N ARG A 98 -20.04 -6.78 -34.18
CA ARG A 98 -20.82 -8.01 -34.08
C ARG A 98 -20.25 -8.93 -33.02
N THR A 99 -18.93 -8.98 -32.95
CA THR A 99 -18.28 -9.83 -31.96
C THR A 99 -18.70 -9.43 -30.57
N VAL A 100 -18.76 -8.13 -30.32
CA VAL A 100 -19.15 -7.66 -28.99
C VAL A 100 -20.63 -7.97 -28.75
N ARG A 101 -21.47 -7.63 -29.72
CA ARG A 101 -22.89 -7.87 -29.60
C ARG A 101 -23.21 -9.35 -29.47
N ASP A 102 -22.44 -10.19 -30.18
CA ASP A 102 -22.65 -11.63 -30.14
C ASP A 102 -22.17 -12.20 -28.82
N SER A 103 -20.95 -11.83 -28.44
CA SER A 103 -20.36 -12.31 -27.21
C SER A 103 -21.22 -11.97 -26.01
N MET A 104 -21.90 -10.83 -26.05
CA MET A 104 -22.75 -10.43 -24.95
C MET A 104 -23.91 -11.40 -24.87
N GLU A 105 -24.56 -11.63 -26.01
CA GLU A 105 -25.69 -12.53 -26.07
C GLU A 105 -25.33 -13.95 -25.67
N TRP A 106 -24.19 -14.45 -26.15
CA TRP A 106 -23.77 -15.80 -25.81
C TRP A 106 -23.53 -15.94 -24.31
N MET A 107 -22.73 -15.04 -23.76
CA MET A 107 -22.41 -15.08 -22.34
C MET A 107 -23.66 -15.00 -21.49
N HIS A 108 -24.60 -14.17 -21.92
CA HIS A 108 -25.85 -13.97 -21.21
C HIS A 108 -26.71 -15.24 -21.18
N LYS A 109 -26.72 -15.96 -22.29
CA LYS A 109 -27.51 -17.17 -22.38
C LYS A 109 -26.90 -18.37 -21.69
N HIS A 110 -25.58 -18.46 -21.66
CA HIS A 110 -24.92 -19.63 -21.08
C HIS A 110 -24.05 -19.48 -19.85
N VAL A 111 -23.73 -18.26 -19.42
CA VAL A 111 -22.85 -18.14 -18.27
C VAL A 111 -23.24 -17.13 -17.20
N TYR A 112 -23.69 -15.95 -17.62
CA TYR A 112 -24.05 -14.90 -16.66
C TYR A 112 -25.42 -14.31 -16.92
N ASN A 113 -26.40 -14.76 -16.15
CA ASN A 113 -27.78 -14.29 -16.29
C ASN A 113 -28.46 -14.33 -14.92
N SER A 114 -29.68 -13.80 -14.86
CA SER A 114 -30.47 -13.74 -13.62
C SER A 114 -30.78 -15.09 -12.98
N GLU A 115 -30.81 -16.15 -13.79
CA GLU A 115 -31.12 -17.47 -13.27
C GLU A 115 -29.92 -18.19 -12.68
N LYS A 116 -28.75 -17.56 -12.72
CA LYS A 116 -27.54 -18.20 -12.20
C LYS A 116 -27.29 -17.82 -10.75
N SER A 117 -26.35 -18.54 -10.13
CA SER A 117 -25.99 -18.28 -8.74
C SER A 117 -24.48 -18.13 -8.66
N ILE A 118 -24.02 -17.33 -7.70
CA ILE A 118 -22.60 -17.13 -7.55
C ILE A 118 -21.87 -18.46 -7.50
N VAL A 119 -20.98 -18.65 -8.47
CA VAL A 119 -20.19 -19.86 -8.54
C VAL A 119 -18.74 -19.38 -8.47
N GLY A 120 -18.12 -19.53 -7.31
CA GLY A 120 -16.76 -19.07 -7.13
C GLY A 120 -16.79 -17.78 -6.34
N ASN A 121 -15.96 -16.81 -6.71
CA ASN A 121 -15.92 -15.53 -5.98
C ASN A 121 -17.11 -14.61 -6.28
N TRP A 122 -17.70 -14.08 -5.23
CA TRP A 122 -18.84 -13.17 -5.35
C TRP A 122 -18.40 -11.88 -6.06
N TRP A 123 -17.19 -11.42 -5.72
CA TRP A 123 -16.63 -10.20 -6.27
C TRP A 123 -16.82 -10.10 -7.78
N ASP A 124 -16.54 -11.19 -8.49
CA ASP A 124 -16.70 -11.23 -9.95
C ASP A 124 -18.16 -11.10 -10.38
N TYR A 125 -19.08 -11.66 -9.60
CA TYR A 125 -20.49 -11.60 -9.94
C TYR A 125 -21.13 -10.27 -9.62
N GLU A 126 -20.56 -9.57 -8.65
CA GLU A 126 -21.13 -8.31 -8.22
C GLU A 126 -20.31 -7.06 -8.49
N ILE A 127 -19.00 -7.22 -8.69
CA ILE A 127 -18.14 -6.06 -8.97
C ILE A 127 -17.38 -6.18 -10.30
N GLY A 128 -16.45 -7.13 -10.36
CA GLY A 128 -15.66 -7.31 -11.56
C GLY A 128 -16.45 -7.33 -12.86
N THR A 129 -17.31 -8.34 -13.02
CA THR A 129 -18.09 -8.48 -14.24
C THR A 129 -19.12 -7.37 -14.49
N PRO A 130 -19.91 -6.98 -13.48
CA PRO A 130 -20.87 -5.91 -13.72
C PRO A 130 -20.23 -4.60 -14.18
N ARG A 131 -19.01 -4.34 -13.73
CA ARG A 131 -18.33 -3.11 -14.13
C ARG A 131 -17.94 -3.21 -15.61
N ALA A 132 -17.30 -4.31 -15.99
CA ALA A 132 -16.89 -4.55 -17.38
C ALA A 132 -18.07 -4.46 -18.33
N ILE A 133 -19.24 -4.93 -17.87
CA ILE A 133 -20.44 -4.92 -18.67
C ILE A 133 -21.00 -3.51 -18.81
N ASN A 134 -21.05 -2.78 -17.69
CA ASN A 134 -21.55 -1.42 -17.69
C ASN A 134 -20.72 -0.57 -18.65
N ASN A 135 -19.41 -0.74 -18.56
CA ASN A 135 -18.47 0.00 -19.39
C ASN A 135 -18.62 -0.35 -20.86
N THR A 136 -18.73 -1.64 -21.15
CA THR A 136 -18.88 -2.08 -22.53
C THR A 136 -20.13 -1.50 -23.16
N LEU A 137 -21.23 -1.54 -22.43
CA LEU A 137 -22.51 -1.03 -22.91
C LEU A 137 -22.51 0.49 -23.01
N SER A 138 -21.87 1.15 -22.06
CA SER A 138 -21.80 2.61 -22.06
C SER A 138 -21.03 3.11 -23.29
N LEU A 139 -19.89 2.47 -23.57
CA LEU A 139 -19.07 2.85 -24.72
C LEU A 139 -19.79 2.59 -26.04
N MET A 140 -20.40 1.41 -26.18
CA MET A 140 -21.09 1.06 -27.42
C MET A 140 -22.60 1.29 -27.39
N LYS A 141 -23.05 2.22 -26.55
CA LYS A 141 -24.48 2.47 -26.46
C LYS A 141 -25.15 2.83 -27.76
N GLU A 142 -24.38 3.28 -28.74
CA GLU A 142 -24.96 3.66 -30.04
C GLU A 142 -25.15 2.43 -30.95
N TYR A 143 -24.77 1.26 -30.45
CA TYR A 143 -24.89 0.00 -31.20
C TYR A 143 -25.86 -0.98 -30.54
N PHE A 144 -26.27 -0.67 -29.31
CA PHE A 144 -27.20 -1.51 -28.55
C PHE A 144 -28.50 -0.75 -28.35
N SER A 145 -29.62 -1.46 -28.40
CA SER A 145 -30.90 -0.81 -28.18
C SER A 145 -31.10 -0.76 -26.68
N ASP A 146 -31.98 0.12 -26.21
CA ASP A 146 -32.24 0.22 -24.79
C ASP A 146 -32.71 -1.13 -24.25
N GLU A 147 -33.55 -1.81 -25.04
CA GLU A 147 -34.07 -3.11 -24.65
C GLU A 147 -32.94 -4.09 -24.41
N GLU A 148 -31.93 -4.03 -25.27
CA GLU A 148 -30.80 -4.93 -25.14
C GLU A 148 -29.99 -4.54 -23.92
N ILE A 149 -29.85 -3.24 -23.68
CA ILE A 149 -29.08 -2.79 -22.53
C ILE A 149 -29.75 -3.27 -21.24
N LYS A 150 -31.05 -2.99 -21.10
CA LYS A 150 -31.78 -3.43 -19.92
C LYS A 150 -31.61 -4.93 -19.78
N LYS A 151 -31.87 -5.64 -20.89
CA LYS A 151 -31.74 -7.08 -20.90
C LYS A 151 -30.39 -7.55 -20.38
N TYR A 152 -29.32 -6.87 -20.78
CA TYR A 152 -27.97 -7.26 -20.37
C TYR A 152 -27.55 -6.80 -18.97
N THR A 153 -28.31 -5.88 -18.38
CA THR A 153 -27.97 -5.42 -17.04
C THR A 153 -28.94 -5.97 -15.98
N ASP A 154 -30.00 -6.63 -16.43
CA ASP A 154 -30.96 -7.24 -15.50
C ASP A 154 -30.20 -8.09 -14.51
N VAL A 155 -29.34 -8.98 -15.02
CA VAL A 155 -28.55 -9.86 -14.19
C VAL A 155 -27.72 -9.11 -13.15
N ILE A 156 -27.34 -7.87 -13.44
CA ILE A 156 -26.56 -7.07 -12.49
C ILE A 156 -27.50 -6.68 -11.36
N GLU A 157 -28.74 -6.38 -11.73
CA GLU A 157 -29.76 -6.00 -10.75
C GLU A 157 -30.06 -7.21 -9.88
N LYS A 158 -29.94 -8.40 -10.46
CA LYS A 158 -30.21 -9.62 -9.73
C LYS A 158 -29.14 -9.89 -8.67
N PHE A 159 -27.88 -9.80 -9.05
CA PHE A 159 -26.81 -10.05 -8.10
C PHE A 159 -26.52 -8.89 -7.16
N VAL A 160 -26.82 -7.67 -7.61
CA VAL A 160 -26.57 -6.48 -6.80
C VAL A 160 -27.78 -5.55 -6.78
N PRO A 161 -28.84 -5.93 -6.04
CA PRO A 161 -30.07 -5.12 -5.92
C PRO A 161 -30.00 -4.07 -4.81
N ASP A 162 -29.15 -4.32 -3.82
CA ASP A 162 -29.01 -3.45 -2.68
C ASP A 162 -27.74 -2.61 -2.70
N PRO A 163 -27.88 -1.29 -2.84
CA PRO A 163 -26.75 -0.37 -2.88
C PRO A 163 -25.98 -0.29 -1.57
N GLU A 164 -26.53 -0.88 -0.51
CA GLU A 164 -25.86 -0.83 0.78
C GLU A 164 -25.18 -2.14 1.15
N HIS A 165 -25.56 -3.23 0.47
CA HIS A 165 -24.99 -4.55 0.77
C HIS A 165 -24.48 -5.29 -0.45
N PHE A 166 -23.52 -6.18 -0.21
CA PHE A 166 -22.94 -7.02 -1.24
C PHE A 166 -23.26 -8.46 -0.81
N ARG A 167 -23.26 -9.38 -1.77
CA ARG A 167 -23.55 -10.78 -1.50
C ARG A 167 -24.99 -10.93 -1.00
N LYS A 168 -25.89 -10.16 -1.61
CA LYS A 168 -27.30 -10.18 -1.24
C LYS A 168 -28.04 -11.46 -1.64
N THR A 169 -27.47 -12.22 -2.56
CA THR A 169 -28.10 -13.46 -2.99
C THR A 169 -27.55 -14.62 -2.17
N THR A 170 -26.69 -14.33 -1.20
CA THR A 170 -26.11 -15.37 -0.37
C THR A 170 -26.74 -15.40 1.03
N ASP A 171 -26.14 -16.20 1.91
CA ASP A 171 -26.62 -16.32 3.28
C ASP A 171 -25.89 -15.33 4.17
N ASN A 172 -24.69 -14.96 3.75
CA ASN A 172 -23.87 -14.04 4.51
C ASN A 172 -23.54 -12.75 3.77
N PRO A 173 -24.54 -11.88 3.56
CA PRO A 173 -24.29 -10.61 2.87
C PRO A 173 -23.54 -9.68 3.81
N PHE A 174 -22.97 -8.59 3.30
CA PHE A 174 -22.25 -7.66 4.16
C PHE A 174 -22.49 -6.21 3.75
N LYS A 175 -22.37 -5.29 4.72
CA LYS A 175 -22.56 -3.87 4.47
C LYS A 175 -21.37 -3.30 3.71
N ALA A 176 -21.63 -2.77 2.53
CA ALA A 176 -20.59 -2.20 1.69
C ALA A 176 -19.98 -0.95 2.32
N LEU A 177 -18.66 -0.96 2.48
CA LEU A 177 -17.91 0.17 3.04
C LEU A 177 -16.64 0.40 2.23
N GLY A 178 -16.05 1.60 2.36
CA GLY A 178 -14.81 1.94 1.68
C GLY A 178 -14.69 1.64 0.20
N GLY A 179 -13.62 0.93 -0.17
CA GLY A 179 -13.39 0.58 -1.56
C GLY A 179 -14.59 -0.11 -2.18
N ASN A 180 -15.11 -1.11 -1.48
CA ASN A 180 -16.27 -1.88 -1.93
C ASN A 180 -17.48 -0.96 -2.15
N LEU A 181 -17.65 -0.01 -1.25
CA LEU A 181 -18.75 0.94 -1.35
C LEU A 181 -18.59 1.77 -2.62
N VAL A 182 -17.34 2.09 -2.97
CA VAL A 182 -17.11 2.88 -4.17
C VAL A 182 -17.36 1.98 -5.38
N ASP A 183 -16.93 0.72 -5.30
CA ASP A 183 -17.15 -0.18 -6.41
C ASP A 183 -18.66 -0.36 -6.62
N MET A 184 -19.42 -0.20 -5.53
CA MET A 184 -20.87 -0.32 -5.60
C MET A 184 -21.43 0.77 -6.51
N GLY A 185 -20.79 1.93 -6.48
CA GLY A 185 -21.21 3.05 -7.32
C GLY A 185 -20.88 2.84 -8.78
N ARG A 186 -19.69 2.32 -9.06
CA ARG A 186 -19.28 2.07 -10.43
C ARG A 186 -20.15 0.98 -11.04
N VAL A 187 -20.83 0.23 -10.17
CA VAL A 187 -21.72 -0.84 -10.61
C VAL A 187 -23.15 -0.33 -10.78
N LYS A 188 -23.73 0.16 -9.69
CA LYS A 188 -25.11 0.62 -9.72
C LYS A 188 -25.38 2.02 -10.27
N VAL A 189 -24.46 2.96 -10.11
CA VAL A 189 -24.70 4.29 -10.68
C VAL A 189 -24.69 4.20 -12.21
N ILE A 190 -23.69 3.50 -12.75
CA ILE A 190 -23.58 3.34 -14.20
C ILE A 190 -24.75 2.52 -14.71
N ALA A 191 -25.02 1.39 -14.04
CA ALA A 191 -26.14 0.55 -14.43
C ALA A 191 -27.40 1.40 -14.35
N GLY A 192 -27.48 2.21 -13.31
CA GLY A 192 -28.63 3.08 -13.16
C GLY A 192 -28.78 3.99 -14.36
N LEU A 193 -27.66 4.54 -14.83
CA LEU A 193 -27.68 5.44 -15.99
C LEU A 193 -28.11 4.69 -17.24
N LEU A 194 -27.52 3.52 -17.43
CA LEU A 194 -27.83 2.71 -18.61
C LEU A 194 -29.30 2.32 -18.64
N ARG A 195 -29.86 2.02 -17.47
CA ARG A 195 -31.26 1.60 -17.38
C ARG A 195 -32.21 2.77 -17.20
N LYS A 196 -31.66 3.98 -17.22
CA LYS A 196 -32.46 5.19 -17.05
C LYS A 196 -33.37 5.04 -15.84
N ASP A 197 -32.79 4.53 -14.75
CA ASP A 197 -33.50 4.29 -13.49
C ASP A 197 -33.07 5.26 -12.38
N ASP A 198 -33.83 6.33 -12.22
CA ASP A 198 -33.53 7.35 -11.21
C ASP A 198 -33.39 6.80 -9.80
N GLN A 199 -34.38 6.02 -9.36
CA GLN A 199 -34.33 5.47 -8.02
C GLN A 199 -32.99 4.80 -7.75
N GLU A 200 -32.54 3.96 -8.68
CA GLU A 200 -31.28 3.24 -8.53
C GLU A 200 -30.13 4.21 -8.32
N ILE A 201 -30.12 5.27 -9.11
CA ILE A 201 -29.08 6.28 -9.03
C ILE A 201 -29.03 7.00 -7.68
N SER A 202 -30.14 7.63 -7.30
CA SER A 202 -30.24 8.35 -6.03
C SER A 202 -29.88 7.48 -4.81
N SER A 203 -30.49 6.30 -4.73
CA SER A 203 -30.22 5.40 -3.60
C SER A 203 -28.74 5.01 -3.54
N THR A 204 -28.18 4.65 -4.69
CA THR A 204 -26.77 4.27 -4.75
C THR A 204 -25.89 5.46 -4.38
N ILE A 205 -26.23 6.64 -4.87
CA ILE A 205 -25.44 7.82 -4.55
C ILE A 205 -25.60 8.12 -3.07
N ARG A 206 -26.83 8.14 -2.58
CA ARG A 206 -27.07 8.40 -1.17
C ARG A 206 -26.20 7.44 -0.36
N SER A 207 -26.17 6.20 -0.80
CA SER A 207 -25.39 5.17 -0.13
C SER A 207 -23.90 5.49 -0.19
N ILE A 208 -23.42 5.95 -1.34
CA ILE A 208 -22.01 6.29 -1.52
C ILE A 208 -21.54 7.34 -0.53
N GLU A 209 -22.39 8.34 -0.29
CA GLU A 209 -22.09 9.42 0.64
C GLU A 209 -21.50 8.94 1.95
N GLN A 210 -21.85 7.72 2.34
CA GLN A 210 -21.38 7.12 3.59
C GLN A 210 -19.85 7.05 3.62
N VAL A 211 -19.25 6.97 2.44
CA VAL A 211 -17.79 6.87 2.35
C VAL A 211 -17.05 8.07 2.90
N PHE A 212 -17.73 9.21 2.94
CA PHE A 212 -17.12 10.45 3.40
C PHE A 212 -17.02 10.61 4.91
N LYS A 213 -17.50 9.63 5.65
CA LYS A 213 -17.44 9.74 7.10
C LYS A 213 -16.16 9.14 7.65
N LEU A 214 -15.54 9.84 8.59
CA LEU A 214 -14.33 9.35 9.24
C LEU A 214 -14.84 8.48 10.38
N VAL A 215 -14.14 7.39 10.67
CA VAL A 215 -14.57 6.48 11.73
C VAL A 215 -13.59 6.44 12.90
N ASP A 216 -14.02 5.91 14.04
CA ASP A 216 -13.12 5.78 15.18
C ASP A 216 -13.14 4.31 15.62
N GLN A 217 -13.72 3.48 14.75
CA GLN A 217 -13.79 2.05 14.97
C GLN A 217 -14.26 1.38 13.68
N GLY A 218 -13.78 0.16 13.43
CA GLY A 218 -14.18 -0.54 12.23
C GLY A 218 -13.37 -0.23 10.99
N GLU A 219 -13.96 -0.50 9.82
CA GLU A 219 -13.29 -0.25 8.56
C GLU A 219 -13.52 1.18 8.12
N GLY A 220 -12.50 1.76 7.50
CA GLY A 220 -12.62 3.13 7.02
C GLY A 220 -11.41 3.98 7.38
N PHE A 221 -11.54 5.29 7.16
CA PHE A 221 -10.48 6.25 7.45
C PHE A 221 -10.64 6.78 8.86
N TYR A 222 -9.54 6.90 9.58
CA TYR A 222 -9.58 7.41 10.93
C TYR A 222 -9.02 8.83 10.92
N GLN A 223 -9.27 9.57 11.99
CA GLN A 223 -8.80 10.94 12.12
C GLN A 223 -7.27 11.04 12.10
N ASP A 224 -6.59 9.96 12.50
CA ASP A 224 -5.14 9.97 12.51
C ASP A 224 -4.54 9.55 11.18
N GLY A 225 -5.39 9.35 10.18
CA GLY A 225 -4.93 8.98 8.86
C GLY A 225 -4.97 7.50 8.52
N SER A 226 -5.05 6.64 9.53
CA SER A 226 -5.08 5.20 9.29
C SER A 226 -6.31 4.85 8.48
N TYR A 227 -6.24 3.71 7.82
CA TYR A 227 -7.35 3.20 7.01
C TYR A 227 -7.41 1.71 7.23
N ILE A 228 -8.55 1.26 7.77
CA ILE A 228 -8.74 -0.14 8.07
C ILE A 228 -9.72 -0.77 7.11
N ASP A 229 -9.45 -2.01 6.71
CA ASP A 229 -10.35 -2.74 5.86
C ASP A 229 -10.28 -4.22 6.20
N HIS A 230 -11.19 -4.99 5.63
CA HIS A 230 -11.27 -6.41 5.93
C HIS A 230 -11.19 -6.61 7.44
N THR A 231 -12.09 -5.90 8.12
CA THR A 231 -12.25 -5.92 9.56
C THR A 231 -11.16 -5.26 10.38
N ASN A 232 -9.91 -5.67 10.20
CA ASN A 232 -8.86 -5.07 11.01
C ASN A 232 -7.48 -5.04 10.38
N VAL A 233 -7.43 -4.84 9.05
CA VAL A 233 -6.14 -4.80 8.35
C VAL A 233 -5.76 -3.40 7.86
N ALA A 234 -4.51 -3.00 8.08
CA ALA A 234 -4.01 -1.71 7.60
C ALA A 234 -4.10 -1.86 6.08
N TYR A 235 -4.96 -1.08 5.44
CA TYR A 235 -5.15 -1.24 4.00
C TYR A 235 -5.23 0.02 3.14
N THR A 236 -4.67 1.13 3.61
CA THR A 236 -4.70 2.35 2.82
C THR A 236 -4.20 2.12 1.38
N GLY A 237 -3.10 1.37 1.27
CA GLY A 237 -2.46 1.11 0.00
C GLY A 237 -2.99 0.09 -0.98
N ALA A 238 -4.22 -0.37 -0.81
CA ALA A 238 -4.79 -1.34 -1.74
C ALA A 238 -6.27 -1.03 -1.83
N PHE A 239 -6.97 -1.11 -0.72
CA PHE A 239 -8.39 -0.79 -0.72
C PHE A 239 -8.55 0.72 -0.76
N GLY A 240 -7.60 1.43 -0.16
CA GLY A 240 -7.66 2.89 -0.20
C GLY A 240 -7.52 3.31 -1.65
N ASN A 241 -6.61 2.66 -2.37
CA ASN A 241 -6.39 2.98 -3.78
C ASN A 241 -7.69 2.88 -4.54
N VAL A 242 -8.33 1.73 -4.44
CA VAL A 242 -9.60 1.48 -5.12
C VAL A 242 -10.63 2.54 -4.77
N LEU A 243 -10.63 2.94 -3.50
CA LEU A 243 -11.56 3.96 -3.05
C LEU A 243 -11.32 5.28 -3.79
N ILE A 244 -10.11 5.83 -3.66
CA ILE A 244 -9.78 7.09 -4.32
C ILE A 244 -9.84 6.99 -5.84
N ASP A 245 -9.25 5.92 -6.36
CA ASP A 245 -9.22 5.70 -7.79
C ASP A 245 -10.64 5.68 -8.37
N GLY A 246 -11.50 4.86 -7.77
CA GLY A 246 -12.86 4.76 -8.25
C GLY A 246 -13.72 5.98 -7.96
N LEU A 247 -13.60 6.53 -6.76
CA LEU A 247 -14.41 7.68 -6.43
C LEU A 247 -14.14 8.85 -7.36
N SER A 248 -12.86 9.10 -7.66
CA SER A 248 -12.48 10.21 -8.54
C SER A 248 -13.06 10.07 -9.96
N GLN A 249 -13.28 8.85 -10.41
CA GLN A 249 -13.87 8.64 -11.75
C GLN A 249 -15.36 8.94 -11.70
N LEU A 250 -15.99 8.57 -10.59
CA LEU A 250 -17.42 8.73 -10.40
C LEU A 250 -17.93 10.12 -10.08
N LEU A 251 -17.23 10.83 -9.20
CA LEU A 251 -17.65 12.17 -8.80
C LEU A 251 -18.09 13.12 -9.89
N PRO A 252 -17.30 13.25 -10.96
CA PRO A 252 -17.69 14.15 -12.04
C PRO A 252 -19.07 13.78 -12.61
N VAL A 253 -19.33 12.50 -12.73
CA VAL A 253 -20.62 12.06 -13.27
C VAL A 253 -21.74 12.27 -12.25
N ILE A 254 -21.51 11.78 -11.03
CA ILE A 254 -22.48 11.92 -9.94
C ILE A 254 -22.85 13.38 -9.73
N GLN A 255 -21.85 14.24 -9.77
CA GLN A 255 -22.04 15.66 -9.57
C GLN A 255 -22.89 16.33 -10.63
N LYS A 256 -23.15 15.62 -11.73
CA LYS A 256 -23.96 16.18 -12.78
C LYS A 256 -25.32 15.50 -12.89
N THR A 257 -25.65 14.69 -11.89
CA THR A 257 -26.92 13.99 -11.86
C THR A 257 -27.93 14.81 -11.06
N LYS A 258 -29.10 14.21 -10.86
CA LYS A 258 -30.17 14.85 -10.10
C LYS A 258 -29.84 14.90 -8.62
N ASN A 259 -28.84 14.11 -8.21
CA ASN A 259 -28.44 14.05 -6.80
C ASN A 259 -26.96 14.31 -6.56
N PRO A 260 -26.49 15.54 -6.82
CA PRO A 260 -25.09 15.85 -6.59
C PRO A 260 -24.78 15.81 -5.10
N ILE A 261 -23.54 15.50 -4.75
CA ILE A 261 -23.15 15.42 -3.35
C ILE A 261 -22.69 16.78 -2.83
N ASP A 262 -23.16 17.15 -1.64
CA ASP A 262 -22.82 18.42 -1.01
C ASP A 262 -21.31 18.60 -0.89
N LYS A 263 -20.84 19.81 -1.20
CA LYS A 263 -19.42 20.12 -1.13
C LYS A 263 -18.84 19.79 0.24
N ASP A 264 -19.56 20.19 1.28
CA ASP A 264 -19.11 19.94 2.65
C ASP A 264 -18.88 18.46 2.90
N LYS A 265 -19.77 17.63 2.36
CA LYS A 265 -19.65 16.19 2.55
C LYS A 265 -18.41 15.60 1.92
N MET A 266 -17.92 16.23 0.84
CA MET A 266 -16.74 15.73 0.14
C MET A 266 -15.45 16.30 0.72
N GLN A 267 -15.59 17.15 1.73
CA GLN A 267 -14.47 17.80 2.41
C GLN A 267 -13.41 16.82 2.88
N THR A 268 -13.85 15.74 3.50
CA THR A 268 -12.95 14.75 4.05
C THR A 268 -11.98 14.17 3.04
N MET A 269 -12.33 14.24 1.76
CA MET A 269 -11.47 13.71 0.70
C MET A 269 -10.05 14.26 0.82
N TYR A 270 -9.96 15.56 1.06
CA TYR A 270 -8.67 16.21 1.19
C TYR A 270 -7.97 15.76 2.45
N HIS A 271 -8.75 15.26 3.41
CA HIS A 271 -8.19 14.76 4.66
C HIS A 271 -7.53 13.42 4.38
N TRP A 272 -8.10 12.64 3.46
CA TRP A 272 -7.51 11.34 3.13
C TRP A 272 -6.18 11.55 2.44
N ILE A 273 -6.20 12.42 1.43
CA ILE A 273 -5.00 12.71 0.65
C ILE A 273 -3.85 13.17 1.54
N ASP A 274 -4.09 14.22 2.31
CA ASP A 274 -3.06 14.78 3.19
C ASP A 274 -2.62 13.93 4.37
N LYS A 275 -3.60 13.34 5.08
CA LYS A 275 -3.30 12.56 6.27
C LYS A 275 -3.06 11.07 6.04
N SER A 276 -3.77 10.49 5.08
CA SER A 276 -3.66 9.07 4.80
C SER A 276 -2.73 8.63 3.68
N PHE A 277 -2.90 9.24 2.51
CA PHE A 277 -2.12 8.86 1.34
C PHE A 277 -0.73 9.46 1.18
N ALA A 278 -0.66 10.78 1.20
CA ALA A 278 0.61 11.48 1.03
C ALA A 278 1.77 10.90 1.80
N PRO A 279 1.60 10.64 3.12
CA PRO A 279 2.71 10.08 3.88
C PRO A 279 3.20 8.72 3.43
N LEU A 280 2.37 7.97 2.73
CA LEU A 280 2.75 6.63 2.29
C LEU A 280 3.49 6.62 0.96
N LEU A 281 3.59 7.78 0.34
CA LEU A 281 4.26 7.91 -0.95
C LEU A 281 5.66 8.48 -0.77
N VAL A 282 6.67 7.70 -1.15
CA VAL A 282 8.06 8.12 -1.03
C VAL A 282 8.80 7.91 -2.35
N ASN A 283 9.12 9.02 -3.00
CA ASN A 283 9.83 8.98 -4.28
C ASN A 283 9.04 8.19 -5.29
N GLY A 284 7.74 8.45 -5.34
CA GLY A 284 6.86 7.77 -6.27
C GLY A 284 6.41 6.37 -5.89
N GLU A 285 6.87 5.89 -4.72
CA GLU A 285 6.55 4.55 -4.24
C GLU A 285 5.54 4.54 -3.11
N LEU A 286 4.53 3.66 -3.22
CA LEU A 286 3.51 3.51 -2.19
C LEU A 286 4.02 2.42 -1.25
N MET A 287 4.23 2.79 0.01
CA MET A 287 4.76 1.85 1.00
C MET A 287 3.98 0.54 1.09
N ASP A 288 4.68 -0.57 0.85
CA ASP A 288 4.10 -1.91 0.87
C ASP A 288 3.37 -2.30 2.17
N MET A 289 3.86 -1.78 3.30
CA MET A 289 3.26 -2.11 4.59
C MET A 289 1.79 -1.74 4.66
N SER A 290 1.30 -1.04 3.64
CA SER A 290 -0.09 -0.59 3.61
C SER A 290 -0.89 -1.21 2.48
N ARG A 291 -0.26 -2.11 1.74
CA ARG A 291 -0.90 -2.72 0.59
C ARG A 291 -1.41 -4.16 0.78
N GLY A 292 -1.43 -4.62 2.02
CA GLY A 292 -1.94 -5.96 2.30
C GLY A 292 -1.37 -7.06 1.43
N ARG A 293 -2.24 -7.84 0.81
CA ARG A 293 -1.82 -8.96 -0.03
C ARG A 293 -1.46 -8.56 -1.45
N SER A 294 -1.70 -7.30 -1.80
CA SER A 294 -1.40 -6.81 -3.13
C SER A 294 0.08 -6.90 -3.45
N ILE A 295 0.90 -6.93 -2.41
CA ILE A 295 2.35 -7.00 -2.56
C ILE A 295 2.80 -8.26 -3.27
N SER A 296 1.93 -9.27 -3.30
CA SER A 296 2.27 -10.54 -3.92
C SER A 296 1.92 -10.54 -5.40
N ARG A 297 1.45 -9.40 -5.90
CA ARG A 297 1.09 -9.29 -7.31
C ARG A 297 2.26 -8.69 -8.10
N ALA A 298 2.68 -9.39 -9.14
CA ALA A 298 3.81 -8.96 -9.95
C ALA A 298 3.58 -7.65 -10.70
N ASN A 299 2.35 -7.42 -11.15
CA ASN A 299 2.01 -6.22 -11.89
C ASN A 299 1.60 -5.06 -10.99
N SER A 300 1.93 -5.15 -9.71
CA SER A 300 1.53 -4.09 -8.79
C SER A 300 2.57 -3.75 -7.75
N GLU A 301 3.83 -3.67 -8.16
CA GLU A 301 4.82 -3.32 -7.17
C GLU A 301 4.61 -1.87 -6.73
N GLY A 302 5.30 -1.46 -5.68
CA GLY A 302 5.14 -0.12 -5.12
C GLY A 302 4.91 1.12 -5.97
N HIS A 303 5.74 1.33 -6.98
CA HIS A 303 5.63 2.51 -7.84
C HIS A 303 4.39 2.43 -8.71
N VAL A 304 4.05 1.22 -9.14
CA VAL A 304 2.87 1.00 -9.97
C VAL A 304 1.60 1.28 -9.16
N ALA A 305 1.55 0.73 -7.95
CA ALA A 305 0.39 0.92 -7.08
C ALA A 305 0.19 2.40 -6.77
N ALA A 306 1.29 3.10 -6.55
CA ALA A 306 1.24 4.53 -6.25
C ALA A 306 0.53 5.35 -7.32
N VAL A 307 0.71 4.97 -8.58
CA VAL A 307 0.06 5.71 -9.66
C VAL A 307 -1.45 5.62 -9.54
N GLU A 308 -1.92 4.54 -8.93
CA GLU A 308 -3.36 4.33 -8.73
C GLU A 308 -3.89 5.45 -7.84
N VAL A 309 -3.14 5.76 -6.79
CA VAL A 309 -3.51 6.82 -5.86
C VAL A 309 -3.32 8.17 -6.54
N LEU A 310 -2.13 8.38 -7.11
CA LEU A 310 -1.79 9.62 -7.79
C LEU A 310 -2.81 10.03 -8.86
N ARG A 311 -3.20 9.10 -9.73
CA ARG A 311 -4.18 9.46 -10.77
C ARG A 311 -5.52 9.84 -10.14
N GLY A 312 -5.80 9.27 -8.98
CA GLY A 312 -7.04 9.60 -8.30
C GLY A 312 -6.92 11.00 -7.75
N ILE A 313 -5.83 11.26 -7.05
CA ILE A 313 -5.57 12.57 -6.48
C ILE A 313 -5.61 13.64 -7.58
N HIS A 314 -4.96 13.37 -8.71
CA HIS A 314 -4.92 14.32 -9.82
C HIS A 314 -6.32 14.61 -10.34
N ARG A 315 -7.14 13.58 -10.47
CA ARG A 315 -8.50 13.75 -10.96
C ARG A 315 -9.28 14.66 -9.99
N ILE A 316 -9.03 14.47 -8.69
CA ILE A 316 -9.70 15.26 -7.67
C ILE A 316 -9.25 16.73 -7.74
N ALA A 317 -7.95 16.95 -7.83
CA ALA A 317 -7.41 18.29 -7.95
C ALA A 317 -8.11 18.97 -9.13
N ASP A 318 -8.25 18.23 -10.22
CA ASP A 318 -8.88 18.73 -11.44
C ASP A 318 -10.33 19.17 -11.28
N MET A 319 -11.07 18.56 -10.35
CA MET A 319 -12.45 18.97 -10.14
C MET A 319 -12.54 19.98 -9.00
N SER A 320 -11.39 20.32 -8.42
CA SER A 320 -11.32 21.28 -7.34
C SER A 320 -11.02 22.63 -7.98
N GLU A 321 -10.67 23.61 -7.17
CA GLU A 321 -10.35 24.92 -7.70
C GLU A 321 -9.54 25.78 -6.75
N GLY A 322 -8.85 26.76 -7.32
CA GLY A 322 -8.04 27.66 -6.51
C GLY A 322 -6.86 27.02 -5.83
N GLU A 323 -6.70 27.34 -4.55
CA GLU A 323 -5.61 26.82 -3.75
C GLU A 323 -5.62 25.30 -3.73
N THR A 324 -6.77 24.73 -3.34
CA THR A 324 -6.91 23.29 -3.26
C THR A 324 -6.46 22.61 -4.54
N LYS A 325 -6.89 23.13 -5.68
CA LYS A 325 -6.50 22.57 -6.95
C LYS A 325 -5.00 22.74 -7.13
N GLN A 326 -4.53 23.95 -6.84
CA GLN A 326 -3.12 24.30 -6.94
C GLN A 326 -2.20 23.38 -6.14
N ARG A 327 -2.43 23.31 -4.82
CA ARG A 327 -1.60 22.48 -3.97
C ARG A 327 -1.66 21.00 -4.28
N LEU A 328 -2.82 20.51 -4.70
CA LEU A 328 -2.93 19.10 -5.04
C LEU A 328 -2.09 18.85 -6.28
N GLN A 329 -2.15 19.77 -7.23
CA GLN A 329 -1.37 19.67 -8.46
C GLN A 329 0.11 19.58 -8.12
N SER A 330 0.55 20.46 -7.24
CA SER A 330 1.95 20.49 -6.84
C SER A 330 2.30 19.19 -6.16
N LEU A 331 1.37 18.67 -5.37
CA LEU A 331 1.60 17.41 -4.67
C LEU A 331 1.86 16.30 -5.68
N VAL A 332 0.97 16.17 -6.66
CA VAL A 332 1.10 15.14 -7.68
C VAL A 332 2.39 15.39 -8.48
N LYS A 333 2.57 16.63 -8.93
CA LYS A 333 3.76 17.01 -9.71
C LYS A 333 5.06 16.62 -9.03
N THR A 334 5.28 17.11 -7.82
CA THR A 334 6.52 16.81 -7.12
C THR A 334 6.75 15.31 -6.87
N ILE A 335 5.70 14.58 -6.52
CA ILE A 335 5.85 13.14 -6.28
C ILE A 335 6.28 12.48 -7.58
N VAL A 336 5.52 12.74 -8.65
CA VAL A 336 5.82 12.17 -9.96
C VAL A 336 7.23 12.54 -10.42
N GLN A 337 7.63 13.78 -10.17
CA GLN A 337 8.97 14.22 -10.60
C GLN A 337 10.10 13.68 -9.74
N SER A 338 9.79 13.26 -8.52
CA SER A 338 10.82 12.70 -7.65
C SER A 338 11.09 11.25 -8.01
N ASP A 339 10.24 10.68 -8.85
CA ASP A 339 10.37 9.29 -9.26
C ASP A 339 11.26 9.07 -10.48
N SER A 340 12.51 8.70 -10.24
CA SER A 340 13.47 8.46 -11.31
C SER A 340 13.50 6.99 -11.76
N TYR A 341 12.71 6.16 -11.09
CA TYR A 341 12.69 4.73 -11.41
C TYR A 341 11.50 4.29 -12.27
N TYR A 342 10.31 4.77 -11.94
CA TYR A 342 9.13 4.37 -12.68
C TYR A 342 8.51 5.48 -13.51
N ASP A 343 8.20 5.15 -14.76
CA ASP A 343 7.58 6.08 -15.67
C ASP A 343 6.08 6.13 -15.38
N VAL A 344 5.64 7.19 -14.72
CA VAL A 344 4.24 7.34 -14.36
C VAL A 344 3.21 7.03 -15.43
N PHE A 345 3.56 7.16 -16.70
CA PHE A 345 2.61 6.91 -17.78
C PHE A 345 2.32 5.43 -18.01
N LYS A 346 3.18 4.57 -17.49
CA LYS A 346 3.00 3.14 -17.63
C LYS A 346 1.72 2.67 -16.92
N ASN A 347 1.19 3.51 -16.04
CA ASN A 347 -0.04 3.16 -15.34
C ASN A 347 -1.08 4.26 -15.37
N LEU A 348 -1.17 4.94 -16.51
CA LEU A 348 -2.18 5.97 -16.74
C LEU A 348 -2.85 5.32 -17.95
N LYS A 349 -4.02 4.72 -17.71
CA LYS A 349 -4.72 3.97 -18.74
C LYS A 349 -5.93 4.54 -19.47
N THR A 350 -6.01 5.85 -19.56
CA THR A 350 -7.08 6.50 -20.32
C THR A 350 -6.43 7.75 -20.90
N TYR A 351 -6.96 8.23 -22.02
CA TYR A 351 -6.38 9.41 -22.65
C TYR A 351 -6.54 10.66 -21.80
N LYS A 352 -7.63 10.74 -21.05
CA LYS A 352 -7.84 11.90 -20.20
C LYS A 352 -6.80 11.94 -19.08
N ASP A 353 -6.46 10.77 -18.57
CA ASP A 353 -5.49 10.68 -17.48
C ASP A 353 -4.11 11.03 -17.97
N ILE A 354 -3.81 10.61 -19.20
CA ILE A 354 -2.51 10.86 -19.80
C ILE A 354 -2.42 12.36 -20.06
N SER A 355 -3.48 12.90 -20.65
CA SER A 355 -3.55 14.30 -20.98
C SER A 355 -3.41 15.18 -19.74
N LEU A 356 -4.11 14.84 -18.67
CA LEU A 356 -4.04 15.61 -17.43
C LEU A 356 -2.62 15.65 -16.89
N MET A 357 -1.95 14.49 -16.90
CA MET A 357 -0.59 14.39 -16.38
C MET A 357 0.42 15.17 -17.23
N GLN A 358 0.19 15.21 -18.55
CA GLN A 358 1.10 15.93 -19.44
C GLN A 358 1.07 17.43 -19.20
N SER A 359 -0.12 18.02 -19.15
CA SER A 359 -0.20 19.45 -18.93
C SER A 359 0.28 19.86 -17.53
N LEU A 360 0.11 18.97 -16.55
CA LEU A 360 0.54 19.25 -15.18
C LEU A 360 2.06 19.37 -15.10
N LEU A 361 2.74 18.39 -15.69
CA LEU A 361 4.18 18.34 -15.70
C LEU A 361 4.82 19.45 -16.52
N SER A 362 4.10 19.92 -17.54
CA SER A 362 4.61 20.97 -18.41
C SER A 362 4.21 22.37 -17.96
N ASP A 363 3.19 22.46 -17.11
CA ASP A 363 2.73 23.75 -16.62
C ASP A 363 3.67 24.33 -15.58
N ALA A 364 4.43 25.35 -15.98
CA ALA A 364 5.39 25.99 -15.07
C ALA A 364 4.70 26.73 -13.94
N GLY A 365 3.43 27.05 -14.13
CA GLY A 365 2.68 27.75 -13.10
C GLY A 365 2.43 26.89 -11.88
N VAL A 366 2.58 25.58 -12.05
CA VAL A 366 2.40 24.62 -10.96
C VAL A 366 3.74 24.28 -10.34
N ALA A 367 3.93 24.74 -9.10
CA ALA A 367 5.17 24.51 -8.37
C ALA A 367 5.45 23.04 -8.13
N SER A 368 6.70 22.67 -8.24
CA SER A 368 7.12 21.30 -7.99
C SER A 368 8.34 21.42 -7.09
N VAL A 369 8.08 21.52 -5.79
CA VAL A 369 9.14 21.65 -4.79
C VAL A 369 9.24 20.36 -3.99
N PRO A 370 10.47 19.90 -3.70
CA PRO A 370 10.64 18.67 -2.94
C PRO A 370 9.86 18.74 -1.65
N ARG A 371 9.15 17.66 -1.32
CA ARG A 371 8.36 17.64 -0.10
C ARG A 371 9.26 17.73 1.10
N THR A 372 8.74 18.39 2.13
CA THR A 372 9.45 18.57 3.38
C THR A 372 9.32 17.34 4.28
N SER A 373 10.07 17.34 5.39
CA SER A 373 10.08 16.24 6.35
C SER A 373 8.75 16.05 7.06
N TYR A 374 8.43 14.80 7.39
CA TYR A 374 7.19 14.47 8.08
C TYR A 374 7.29 13.10 8.75
N LEU A 375 6.46 12.89 9.77
CA LEU A 375 6.43 11.64 10.50
C LEU A 375 4.96 11.42 10.86
N SER A 376 4.38 10.37 10.28
CA SER A 376 2.98 10.05 10.54
C SER A 376 2.86 8.82 11.45
N ALA A 377 2.21 8.98 12.59
CA ALA A 377 2.00 7.86 13.52
C ALA A 377 0.57 7.35 13.29
N PHE A 378 0.41 6.35 12.43
CA PHE A 378 -0.91 5.79 12.15
C PHE A 378 -1.18 4.75 13.23
N ASN A 379 -1.46 5.21 14.45
CA ASN A 379 -1.69 4.31 15.57
C ASN A 379 -2.96 3.46 15.44
N LYS A 380 -3.93 3.93 14.66
CA LYS A 380 -5.16 3.18 14.48
C LYS A 380 -5.02 2.02 13.52
N MET A 381 -3.83 1.86 12.94
CA MET A 381 -3.57 0.75 12.05
C MET A 381 -2.18 0.20 12.31
N ASP A 382 -1.62 0.63 13.44
CA ASP A 382 -0.29 0.21 13.90
C ASP A 382 0.84 0.31 12.89
N LYS A 383 0.88 1.41 12.15
CA LYS A 383 1.93 1.65 11.17
C LYS A 383 2.49 3.05 11.44
N THR A 384 3.75 3.26 11.06
CA THR A 384 4.40 4.55 11.24
C THR A 384 5.26 4.86 10.01
N ALA A 385 5.02 6.01 9.39
CA ALA A 385 5.77 6.43 8.19
C ALA A 385 6.59 7.66 8.53
N MET A 386 7.87 7.62 8.16
CA MET A 386 8.78 8.71 8.43
C MET A 386 9.58 9.12 7.18
N TYR A 387 9.77 10.42 7.00
CA TYR A 387 10.54 10.94 5.87
C TYR A 387 11.38 12.17 6.22
N ASN A 388 12.66 12.11 5.87
CA ASN A 388 13.64 13.18 6.10
C ASN A 388 13.97 13.82 4.74
N ALA A 389 13.51 15.05 4.50
CA ALA A 389 13.76 15.72 3.22
C ALA A 389 15.19 16.19 3.09
N GLU A 390 15.82 16.55 4.21
CA GLU A 390 17.19 17.02 4.18
C GLU A 390 18.14 15.95 3.72
N LYS A 391 18.05 14.76 4.31
CA LYS A 391 18.92 13.66 3.95
C LYS A 391 18.31 12.77 2.88
N GLY A 392 17.01 12.96 2.63
CA GLY A 392 16.31 12.22 1.60
C GLY A 392 16.05 10.73 1.74
N PHE A 393 15.72 10.27 2.94
CA PHE A 393 15.41 8.86 3.09
C PHE A 393 14.04 8.69 3.75
N GLY A 394 13.40 7.56 3.49
CA GLY A 394 12.09 7.28 4.06
C GLY A 394 12.22 6.07 4.97
N PHE A 395 11.36 6.00 5.99
CA PHE A 395 11.38 4.87 6.92
C PHE A 395 9.95 4.47 7.28
N GLY A 396 9.69 3.17 7.19
CA GLY A 396 8.37 2.65 7.51
C GLY A 396 8.42 1.58 8.60
N LEU A 397 7.58 1.72 9.62
CA LEU A 397 7.55 0.74 10.70
C LEU A 397 6.24 0.00 10.60
N SER A 398 6.32 -1.32 10.39
CA SER A 398 5.14 -2.18 10.24
C SER A 398 4.91 -3.07 11.44
N LEU A 399 3.79 -2.85 12.11
CA LEU A 399 3.46 -3.67 13.26
C LEU A 399 1.98 -4.07 13.23
N PHE A 400 1.55 -4.71 14.32
CA PHE A 400 0.16 -5.11 14.51
C PHE A 400 -0.02 -5.30 16.01
N SER A 401 -1.28 -5.40 16.44
CA SER A 401 -1.55 -5.56 17.86
C SER A 401 -2.83 -6.37 18.02
N SER A 402 -3.40 -6.30 19.22
CA SER A 402 -4.63 -7.00 19.52
C SER A 402 -5.74 -6.38 18.68
N ARG A 403 -5.47 -5.18 18.16
CA ARG A 403 -6.45 -4.45 17.34
C ARG A 403 -6.28 -4.69 15.84
N THR A 404 -5.20 -5.31 15.42
CA THR A 404 -4.98 -5.49 13.99
C THR A 404 -4.37 -6.82 13.62
N LEU A 405 -4.67 -7.26 12.40
CA LEU A 405 -4.15 -8.51 11.87
C LEU A 405 -2.71 -8.30 11.39
N ASN A 406 -1.81 -9.26 11.62
CA ASN A 406 -0.43 -9.09 11.19
C ASN A 406 -0.28 -9.11 9.67
N TYR A 407 -0.83 -10.12 9.01
CA TYR A 407 -0.75 -10.17 7.55
C TYR A 407 -1.98 -10.79 6.94
N GLU A 408 -2.27 -10.42 5.70
CA GLU A 408 -3.44 -10.94 5.00
C GLU A 408 -3.09 -11.93 3.90
N HIS A 409 -3.51 -13.17 4.08
CA HIS A 409 -3.31 -14.23 3.10
C HIS A 409 -4.71 -14.67 2.76
N MET A 410 -5.21 -14.23 1.61
CA MET A 410 -6.56 -14.55 1.17
C MET A 410 -6.55 -14.79 -0.33
N ASN A 411 -7.41 -15.69 -0.78
CA ASN A 411 -7.53 -16.02 -2.20
C ASN A 411 -6.23 -16.50 -2.82
N LYS A 412 -5.41 -17.15 -2.00
CA LYS A 412 -4.14 -17.71 -2.43
C LYS A 412 -3.06 -16.66 -2.68
N GLU A 413 -3.29 -15.42 -2.25
CA GLU A 413 -2.31 -14.34 -2.41
C GLU A 413 -1.59 -14.07 -1.10
N ASN A 414 -0.31 -13.75 -1.20
CA ASN A 414 0.54 -13.46 -0.04
C ASN A 414 0.65 -14.63 0.92
N LYS A 415 1.02 -15.79 0.38
CA LYS A 415 1.17 -17.00 1.15
C LYS A 415 2.29 -16.98 2.18
N ARG A 416 3.27 -16.09 2.01
CA ARG A 416 4.37 -16.06 2.98
C ARG A 416 4.65 -14.72 3.66
N GLY A 417 3.61 -13.92 3.84
CA GLY A 417 3.79 -12.64 4.50
C GLY A 417 3.78 -12.76 6.00
N TRP A 418 3.94 -13.99 6.48
CA TRP A 418 3.93 -14.30 7.91
C TRP A 418 4.46 -13.25 8.86
N TYR A 419 5.68 -12.79 8.60
CA TYR A 419 6.34 -11.84 9.48
C TYR A 419 6.44 -10.38 9.05
N THR A 420 5.76 -10.01 7.98
CA THR A 420 5.82 -8.65 7.48
C THR A 420 5.26 -7.57 8.40
N SER A 421 4.83 -7.95 9.59
CA SER A 421 4.30 -6.96 10.53
C SER A 421 4.85 -7.20 11.92
N ASP A 422 5.78 -8.13 12.02
CA ASP A 422 6.36 -8.45 13.32
C ASP A 422 7.48 -7.48 13.68
N GLY A 423 7.20 -6.20 13.51
CA GLY A 423 8.22 -5.21 13.80
C GLY A 423 9.14 -5.14 12.60
N MET A 424 8.55 -5.25 11.41
CA MET A 424 9.32 -5.17 10.18
C MET A 424 9.52 -3.69 9.85
N PHE A 425 10.73 -3.35 9.40
CA PHE A 425 11.03 -1.96 9.04
C PHE A 425 11.35 -1.86 7.55
N TYR A 426 11.05 -0.70 6.99
CA TYR A 426 11.30 -0.42 5.59
C TYR A 426 12.21 0.81 5.48
N LEU A 427 13.21 0.75 4.60
CA LEU A 427 14.09 1.90 4.39
C LEU A 427 14.01 2.28 2.91
N TYR A 428 13.56 3.50 2.65
CA TYR A 428 13.45 4.01 1.29
C TYR A 428 14.61 4.97 1.05
N ASN A 429 15.53 4.58 0.19
CA ASN A 429 16.69 5.43 -0.09
C ASN A 429 16.95 5.65 -1.59
N GLY A 430 18.20 5.94 -1.94
CA GLY A 430 18.55 6.19 -3.33
C GLY A 430 18.05 5.14 -4.30
N ASP A 431 17.94 3.90 -3.82
CA ASP A 431 17.48 2.80 -4.65
C ASP A 431 15.95 2.74 -4.68
N LEU A 432 15.34 3.44 -5.63
CA LEU A 432 13.90 3.48 -5.74
C LEU A 432 13.29 2.13 -6.15
N SER A 433 14.12 1.21 -6.62
CA SER A 433 13.66 -0.11 -7.06
C SER A 433 13.86 -1.22 -6.04
N HIS A 434 14.29 -0.85 -4.84
CA HIS A 434 14.55 -1.85 -3.82
C HIS A 434 13.44 -2.86 -3.60
N TYR A 435 12.24 -2.35 -3.32
CA TYR A 435 11.13 -3.25 -3.05
C TYR A 435 10.41 -3.67 -4.32
N SER A 436 11.08 -3.48 -5.45
CA SER A 436 10.52 -3.84 -6.74
C SER A 436 11.47 -4.80 -7.44
N ASP A 437 11.25 -5.04 -8.73
CA ASP A 437 12.12 -5.95 -9.49
C ASP A 437 12.12 -7.34 -8.89
N GLY A 438 10.98 -7.79 -8.35
CA GLY A 438 10.92 -9.12 -7.77
C GLY A 438 11.47 -9.26 -6.36
N TYR A 439 11.37 -8.20 -5.57
CA TYR A 439 11.84 -8.25 -4.20
C TYR A 439 11.02 -9.29 -3.42
N TRP A 440 9.70 -9.18 -3.52
CA TRP A 440 8.79 -10.05 -2.80
C TRP A 440 8.93 -11.56 -3.07
N PRO A 441 8.92 -12.00 -4.34
CA PRO A 441 9.08 -13.44 -4.52
C PRO A 441 10.50 -13.96 -4.30
N THR A 442 11.46 -13.07 -4.02
CA THR A 442 12.84 -13.54 -3.82
C THR A 442 13.36 -13.31 -2.41
N VAL A 443 12.71 -12.42 -1.68
CA VAL A 443 13.10 -12.15 -0.31
C VAL A 443 12.83 -13.41 0.53
N ASN A 444 13.76 -13.74 1.44
CA ASN A 444 13.58 -14.91 2.31
C ASN A 444 12.50 -14.54 3.32
N PRO A 445 11.30 -15.14 3.19
CA PRO A 445 10.18 -14.82 4.10
C PRO A 445 10.40 -15.11 5.58
N TYR A 446 11.44 -15.87 5.89
CA TYR A 446 11.77 -16.22 7.27
C TYR A 446 12.61 -15.16 7.97
N LYS A 447 13.21 -14.26 7.19
CA LYS A 447 14.06 -13.23 7.79
C LYS A 447 13.68 -11.81 7.40
N MET A 448 12.41 -11.46 7.55
CA MET A 448 12.01 -10.10 7.21
C MET A 448 12.86 -9.19 8.09
N PRO A 449 13.35 -8.06 7.53
CA PRO A 449 14.19 -7.10 8.25
C PRO A 449 13.60 -6.47 9.51
N GLY A 450 14.36 -6.52 10.59
CA GLY A 450 13.92 -5.95 11.85
C GLY A 450 13.14 -6.90 12.74
N THR A 451 12.69 -8.03 12.18
CA THR A 451 11.89 -8.99 12.95
C THR A 451 12.72 -9.96 13.76
N THR A 452 12.16 -10.36 14.90
CA THR A 452 12.78 -11.30 15.82
C THR A 452 11.92 -12.57 15.67
N GLU A 453 12.53 -13.69 15.31
CA GLU A 453 11.80 -14.93 15.10
C GLU A 453 12.63 -16.19 15.31
N THR A 454 11.94 -17.32 15.46
CA THR A 454 12.63 -18.59 15.59
C THR A 454 12.64 -19.12 14.16
N ASP A 455 13.49 -20.10 13.88
CA ASP A 455 13.58 -20.63 12.53
C ASP A 455 12.65 -21.81 12.22
N ALA A 456 11.54 -21.91 12.94
CA ALA A 456 10.59 -22.99 12.69
C ALA A 456 9.98 -22.81 11.32
N LYS A 457 9.68 -23.93 10.66
CA LYS A 457 9.07 -23.90 9.34
C LYS A 457 7.66 -23.35 9.46
N ARG A 458 7.17 -22.71 8.41
CA ARG A 458 5.83 -22.15 8.41
C ARG A 458 5.10 -22.70 7.20
N ALA A 459 3.77 -22.77 7.29
CA ALA A 459 2.97 -23.30 6.20
C ALA A 459 2.30 -22.21 5.40
N ASP A 460 2.37 -22.33 4.07
CA ASP A 460 1.77 -21.33 3.20
C ASP A 460 0.29 -21.22 3.49
N SER A 461 -0.31 -22.32 3.95
CA SER A 461 -1.74 -22.30 4.23
C SER A 461 -2.13 -21.49 5.47
N ASP A 462 -1.16 -21.09 6.29
CA ASP A 462 -1.47 -20.31 7.48
C ASP A 462 -2.16 -18.99 7.10
N THR A 463 -2.83 -18.38 8.07
CA THR A 463 -3.49 -17.10 7.86
C THR A 463 -3.16 -16.19 9.04
N GLY A 464 -3.48 -14.90 8.91
CA GLY A 464 -3.17 -13.94 9.94
C GLY A 464 -3.76 -14.13 11.32
N LYS A 465 -3.13 -13.47 12.29
CA LYS A 465 -3.54 -13.51 13.70
C LYS A 465 -3.40 -12.11 14.28
N VAL A 466 -4.17 -11.78 15.31
CA VAL A 466 -4.00 -10.48 15.95
C VAL A 466 -2.95 -10.76 17.02
N LEU A 467 -2.41 -9.71 17.63
CA LEU A 467 -1.40 -9.91 18.65
C LEU A 467 -2.05 -10.00 20.03
N PRO A 468 -1.51 -10.83 20.92
CA PRO A 468 -2.08 -10.93 22.27
C PRO A 468 -2.13 -9.59 22.98
N SER A 469 -1.03 -8.84 22.91
CA SER A 469 -0.91 -7.54 23.56
C SER A 469 -1.45 -6.34 22.81
N ALA A 470 -1.88 -5.33 23.57
CA ALA A 470 -2.40 -4.08 23.02
C ALA A 470 -1.34 -2.99 23.21
N PHE A 471 -0.24 -3.37 23.85
CA PHE A 471 0.86 -2.44 24.10
C PHE A 471 1.71 -2.33 22.85
N VAL A 472 1.17 -1.66 21.85
CA VAL A 472 1.84 -1.46 20.57
C VAL A 472 1.42 -0.04 20.14
N GLY A 473 2.38 0.83 19.87
CA GLY A 473 2.03 2.19 19.49
C GLY A 473 3.19 3.16 19.33
N THR A 474 2.89 4.32 18.75
CA THR A 474 3.90 5.36 18.51
C THR A 474 3.59 6.70 19.17
N SER A 475 4.56 7.23 19.90
CA SER A 475 4.43 8.55 20.50
C SER A 475 5.27 9.51 19.63
N LYS A 476 4.60 10.39 18.89
CA LYS A 476 5.26 11.35 18.01
C LYS A 476 5.47 12.72 18.66
N LEU A 477 6.71 13.22 18.69
CA LEU A 477 6.97 14.54 19.26
C LEU A 477 6.75 15.61 18.18
N ASP A 478 7.40 15.44 17.05
CA ASP A 478 7.26 16.38 15.95
C ASP A 478 7.43 15.66 14.62
N ASP A 479 7.71 16.38 13.54
CA ASP A 479 7.87 15.76 12.23
C ASP A 479 9.17 14.99 12.06
N ALA A 480 10.05 15.04 13.04
CA ALA A 480 11.32 14.35 12.91
C ALA A 480 11.63 13.36 14.02
N ASN A 481 10.86 13.42 15.10
CA ASN A 481 11.11 12.53 16.22
C ASN A 481 9.86 11.83 16.77
N ALA A 482 10.02 10.53 17.03
CA ALA A 482 8.92 9.75 17.57
C ALA A 482 9.48 8.48 18.18
N THR A 483 8.72 7.87 19.07
CA THR A 483 9.15 6.63 19.69
C THR A 483 8.03 5.61 19.56
N ALA A 484 8.42 4.35 19.38
CA ALA A 484 7.45 3.28 19.20
C ALA A 484 7.86 2.03 19.98
N THR A 485 6.88 1.17 20.24
CA THR A 485 7.15 -0.08 20.95
C THR A 485 6.17 -1.17 20.56
N MET A 486 6.59 -2.42 20.71
CA MET A 486 5.73 -3.55 20.41
C MET A 486 5.99 -4.65 21.42
N ASP A 487 4.96 -4.97 22.21
CA ASP A 487 5.03 -6.02 23.22
C ASP A 487 4.86 -7.26 22.36
N PHE A 488 5.97 -7.75 21.83
CA PHE A 488 5.96 -8.88 20.92
C PHE A 488 5.92 -10.32 21.44
N THR A 489 5.11 -11.12 20.74
CA THR A 489 4.94 -12.55 21.01
C THR A 489 4.76 -13.16 19.62
N ASN A 490 5.54 -14.19 19.30
CA ASN A 490 5.41 -14.78 17.96
C ASN A 490 4.16 -15.63 17.76
N TRP A 491 3.90 -15.95 16.50
CA TRP A 491 2.74 -16.70 16.06
C TRP A 491 2.32 -17.91 16.90
N ASN A 492 3.26 -18.58 17.53
CA ASN A 492 2.94 -19.77 18.32
C ASN A 492 3.35 -19.65 19.78
N GLN A 493 3.37 -18.42 20.29
CA GLN A 493 3.72 -18.14 21.67
C GLN A 493 4.88 -18.93 22.24
N THR A 494 6.02 -18.89 21.55
CA THR A 494 7.22 -19.56 22.05
C THR A 494 8.32 -18.52 22.17
N LEU A 495 8.09 -17.32 21.63
CA LEU A 495 9.09 -16.26 21.69
C LEU A 495 8.45 -14.91 22.01
N THR A 496 9.15 -14.15 22.85
CA THR A 496 8.70 -12.83 23.23
C THR A 496 9.87 -11.85 23.14
N ALA A 497 9.54 -10.57 23.09
CA ALA A 497 10.54 -9.53 23.02
C ALA A 497 9.90 -8.15 23.14
N HIS A 498 10.54 -7.28 23.91
CA HIS A 498 10.07 -5.91 24.02
C HIS A 498 10.85 -5.20 22.92
N LYS A 499 10.19 -4.97 21.78
CA LYS A 499 10.84 -4.32 20.66
C LYS A 499 10.46 -2.86 20.62
N SER A 500 11.46 -1.99 20.66
CA SER A 500 11.19 -0.56 20.63
C SER A 500 12.01 0.14 19.56
N TRP A 501 11.46 1.22 19.03
CA TRP A 501 12.14 1.98 17.99
C TRP A 501 12.17 3.46 18.36
N PHE A 502 13.33 4.07 18.17
CA PHE A 502 13.50 5.49 18.49
C PHE A 502 13.89 6.26 17.24
N MET A 503 12.91 6.92 16.65
CA MET A 503 13.13 7.70 15.43
C MET A 503 13.64 9.07 15.84
N LEU A 504 14.90 9.32 15.51
CA LEU A 504 15.53 10.57 15.87
C LEU A 504 16.05 11.40 14.69
N LYS A 505 15.12 11.92 13.90
CA LYS A 505 15.43 12.79 12.76
C LYS A 505 16.14 12.17 11.56
N ASP A 506 17.43 11.89 11.72
CA ASP A 506 18.24 11.34 10.64
C ASP A 506 18.74 9.93 10.92
N LYS A 507 18.16 9.29 11.92
CA LYS A 507 18.56 7.94 12.31
C LYS A 507 17.44 7.30 13.12
N ILE A 508 17.50 5.98 13.27
CA ILE A 508 16.51 5.21 14.02
C ILE A 508 17.21 4.16 14.88
N ALA A 509 16.98 4.20 16.18
CA ALA A 509 17.59 3.24 17.08
C ALA A 509 16.65 2.06 17.27
N PHE A 510 17.16 0.85 17.14
CA PHE A 510 16.36 -0.36 17.32
C PHE A 510 16.78 -0.99 18.65
N LEU A 511 15.85 -1.10 19.59
CA LEU A 511 16.17 -1.72 20.88
C LEU A 511 15.27 -2.93 21.13
N GLY A 512 15.86 -4.00 21.64
CA GLY A 512 15.09 -5.20 21.93
C GLY A 512 15.57 -5.80 23.23
N SER A 513 14.65 -6.09 24.15
CA SER A 513 15.02 -6.67 25.42
C SER A 513 14.01 -7.76 25.82
N ASN A 514 14.33 -8.48 26.89
CA ASN A 514 13.43 -9.51 27.38
C ASN A 514 13.15 -10.54 26.29
N ILE A 515 14.18 -10.89 25.53
CA ILE A 515 13.98 -11.86 24.46
C ILE A 515 13.96 -13.26 25.09
N GLN A 516 12.87 -13.99 24.85
CA GLN A 516 12.75 -15.33 25.44
C GLN A 516 12.24 -16.37 24.46
N ASN A 517 12.78 -17.58 24.61
CA ASN A 517 12.45 -18.69 23.73
C ASN A 517 12.25 -19.95 24.55
N THR A 518 11.04 -20.51 24.49
CA THR A 518 10.70 -21.73 25.22
C THR A 518 10.71 -22.93 24.27
N SER A 519 10.93 -22.65 22.98
CA SER A 519 10.96 -23.69 21.97
C SER A 519 12.35 -24.23 21.75
N THR A 520 12.47 -25.20 20.84
CA THR A 520 13.76 -25.81 20.52
C THR A 520 14.41 -25.14 19.31
N ASP A 521 13.62 -24.38 18.56
CA ASP A 521 14.13 -23.67 17.38
C ASP A 521 15.01 -22.51 17.79
N THR A 522 15.94 -22.11 16.92
CA THR A 522 16.83 -20.99 17.23
C THR A 522 16.12 -19.67 17.03
N ALA A 523 16.46 -18.71 17.87
CA ALA A 523 15.87 -17.39 17.79
C ALA A 523 16.93 -16.37 17.33
N ALA A 524 16.52 -15.46 16.45
CA ALA A 524 17.44 -14.44 15.96
C ALA A 524 16.62 -13.28 15.43
N THR A 525 17.23 -12.10 15.43
CA THR A 525 16.58 -10.90 14.91
C THR A 525 17.28 -10.57 13.60
N THR A 526 16.51 -10.29 12.55
CA THR A 526 17.11 -9.93 11.26
C THR A 526 17.37 -8.44 11.28
N ILE A 527 18.64 -8.04 11.36
CA ILE A 527 18.99 -6.62 11.37
C ILE A 527 18.62 -6.04 10.01
N ASP A 528 18.85 -6.80 8.95
CA ASP A 528 18.48 -6.36 7.63
C ASP A 528 18.61 -7.46 6.59
N GLN A 529 17.86 -7.31 5.51
CA GLN A 529 17.91 -8.19 4.35
C GLN A 529 17.68 -7.18 3.23
N ARG A 530 18.79 -6.64 2.72
CA ARG A 530 18.73 -5.62 1.67
C ARG A 530 18.92 -6.19 0.29
N LYS A 531 18.04 -5.80 -0.65
CA LYS A 531 18.14 -6.26 -2.03
C LYS A 531 19.20 -5.43 -2.73
N LEU A 532 20.17 -6.10 -3.34
CA LEU A 532 21.27 -5.44 -4.04
C LEU A 532 21.01 -5.14 -5.53
N GLU A 533 21.80 -4.22 -6.07
CA GLU A 533 21.74 -3.84 -7.47
C GLU A 533 23.07 -4.32 -8.04
N SER A 534 23.03 -5.13 -9.09
CA SER A 534 24.26 -5.63 -9.66
C SER A 534 25.09 -4.46 -10.18
N SER A 535 24.41 -3.37 -10.51
CA SER A 535 25.07 -2.19 -11.04
C SER A 535 25.72 -1.30 -9.97
N ASN A 536 25.13 -1.25 -8.78
CA ASN A 536 25.66 -0.41 -7.70
C ASN A 536 26.13 -1.23 -6.50
N PRO A 537 27.21 -2.00 -6.66
CA PRO A 537 27.70 -2.81 -5.55
C PRO A 537 28.06 -2.03 -4.29
N TYR A 538 28.00 -2.73 -3.16
CA TYR A 538 28.32 -2.15 -1.88
C TYR A 538 29.67 -2.69 -1.45
N LYS A 539 30.41 -1.88 -0.70
CA LYS A 539 31.69 -2.29 -0.17
C LYS A 539 31.31 -2.46 1.31
N VAL A 540 31.46 -3.67 1.84
CA VAL A 540 31.07 -3.93 3.21
C VAL A 540 32.16 -3.76 4.24
N TYR A 541 31.89 -2.94 5.24
CA TYR A 541 32.86 -2.72 6.29
C TYR A 541 32.29 -3.20 7.62
N VAL A 542 33.12 -3.89 8.38
CA VAL A 542 32.73 -4.35 9.68
C VAL A 542 33.77 -3.75 10.58
N ASN A 543 33.34 -2.84 11.46
CA ASN A 543 34.27 -2.19 12.36
C ASN A 543 35.24 -1.34 11.53
N ASP A 544 34.72 -0.79 10.42
CA ASP A 544 35.49 0.04 9.51
C ASP A 544 36.62 -0.70 8.80
N LYS A 545 36.46 -2.01 8.63
CA LYS A 545 37.47 -2.83 7.95
C LYS A 545 36.76 -3.59 6.86
N GLU A 546 37.25 -3.43 5.64
CA GLU A 546 36.65 -4.11 4.49
C GLU A 546 36.39 -5.58 4.80
N ALA A 547 35.19 -6.04 4.45
CA ALA A 547 34.81 -7.43 4.68
C ALA A 547 34.31 -8.03 3.39
N SER A 548 34.64 -9.29 3.17
CA SER A 548 34.21 -9.97 1.97
C SER A 548 33.12 -10.95 2.37
N LEU A 549 31.89 -10.65 1.98
CA LEU A 549 30.75 -11.50 2.30
C LEU A 549 30.58 -12.59 1.27
N THR A 550 30.07 -13.73 1.73
CA THR A 550 29.87 -14.88 0.88
C THR A 550 28.46 -15.41 1.04
N GLU A 551 28.11 -16.36 0.19
CA GLU A 551 26.80 -17.00 0.24
C GLU A 551 26.72 -17.64 1.61
N GLN A 552 27.81 -18.29 2.01
CA GLN A 552 27.90 -18.94 3.31
C GLN A 552 28.01 -17.87 4.38
N GLU A 553 27.18 -18.01 5.42
CA GLU A 553 27.16 -17.06 6.51
C GLU A 553 28.52 -16.97 7.19
N LYS A 554 28.90 -15.76 7.57
CA LYS A 554 30.16 -15.54 8.26
C LYS A 554 29.80 -14.84 9.57
N ASP A 555 30.45 -15.22 10.67
CA ASP A 555 30.15 -14.59 11.94
C ASP A 555 31.13 -13.49 12.29
N TYR A 556 30.62 -12.40 12.81
CA TYR A 556 31.47 -11.30 13.20
C TYR A 556 31.23 -10.99 14.67
N PRO A 557 32.06 -11.54 15.54
CA PRO A 557 31.92 -11.30 16.98
C PRO A 557 32.51 -9.94 17.33
N GLU A 558 32.07 -9.37 18.44
CA GLU A 558 32.57 -8.07 18.87
C GLU A 558 32.40 -7.01 17.79
N THR A 559 31.29 -7.04 17.08
CA THR A 559 31.03 -6.05 16.04
C THR A 559 30.47 -4.78 16.67
N GLN A 560 31.11 -3.66 16.40
CA GLN A 560 30.67 -2.39 16.93
C GLN A 560 29.88 -1.65 15.85
N SER A 561 30.14 -2.02 14.60
CA SER A 561 29.45 -1.38 13.50
C SER A 561 29.63 -2.12 12.21
N VAL A 562 28.73 -1.84 11.29
CA VAL A 562 28.75 -2.42 9.96
C VAL A 562 28.39 -1.26 9.04
N PHE A 563 29.08 -1.13 7.91
CA PHE A 563 28.79 -0.04 6.99
C PHE A 563 28.70 -0.54 5.55
N LEU A 564 27.59 -0.21 4.89
CA LEU A 564 27.36 -0.58 3.51
C LEU A 564 27.67 0.67 2.69
N GLU A 565 28.77 0.62 1.96
CA GLU A 565 29.23 1.76 1.17
C GLU A 565 28.98 1.67 -0.33
N SER A 566 28.16 2.60 -0.84
CA SER A 566 27.86 2.65 -2.26
C SER A 566 28.58 3.85 -2.84
N SER A 567 28.57 3.96 -4.16
CA SER A 567 29.20 5.09 -4.84
C SER A 567 28.28 6.27 -4.61
N ASP A 568 27.01 5.97 -4.37
CA ASP A 568 26.01 7.00 -4.11
C ASP A 568 25.74 7.06 -2.63
N SER A 569 26.18 8.13 -1.99
CA SER A 569 25.99 8.31 -0.55
C SER A 569 24.54 8.16 -0.11
N LYS A 570 23.61 8.41 -1.02
CA LYS A 570 22.18 8.31 -0.71
C LYS A 570 21.69 6.86 -0.74
N LYS A 571 22.63 5.92 -0.73
CA LYS A 571 22.30 4.49 -0.73
C LYS A 571 23.11 3.81 0.36
N ASN A 572 23.82 4.62 1.14
CA ASN A 572 24.66 4.09 2.21
C ASN A 572 23.81 3.70 3.42
N ILE A 573 24.23 2.64 4.10
CA ILE A 573 23.53 2.20 5.30
C ILE A 573 24.54 1.80 6.36
N GLY A 574 24.46 2.45 7.51
CA GLY A 574 25.36 2.13 8.60
C GLY A 574 24.58 1.60 9.78
N TYR A 575 25.19 0.70 10.55
CA TYR A 575 24.58 0.14 11.74
C TYR A 575 25.57 0.22 12.88
N PHE A 576 25.24 1.01 13.88
CA PHE A 576 26.09 1.19 15.04
C PHE A 576 25.49 0.40 16.20
N PHE A 577 26.24 -0.57 16.70
CA PHE A 577 25.80 -1.40 17.82
C PHE A 577 26.24 -0.77 19.15
N PHE A 578 25.28 -0.24 19.90
CA PHE A 578 25.57 0.41 21.17
C PHE A 578 26.56 -0.39 22.01
N LYS A 579 26.42 -1.71 21.97
CA LYS A 579 27.34 -2.58 22.70
C LYS A 579 27.85 -3.58 21.67
N LYS A 580 29.14 -3.91 21.73
CA LYS A 580 29.70 -4.86 20.78
C LYS A 580 28.82 -6.10 20.78
N SER A 581 28.39 -6.56 19.61
CA SER A 581 27.53 -7.74 19.51
C SER A 581 27.97 -8.75 18.47
N SER A 582 27.44 -9.97 18.59
CA SER A 582 27.74 -11.06 17.69
C SER A 582 26.70 -11.12 16.59
N ILE A 583 27.14 -10.88 15.36
CA ILE A 583 26.23 -10.89 14.23
C ILE A 583 26.73 -11.78 13.11
N SER A 584 25.86 -12.06 12.16
CA SER A 584 26.21 -12.89 11.02
C SER A 584 25.78 -12.15 9.79
N MET A 585 26.52 -12.35 8.70
CA MET A 585 26.20 -11.69 7.46
C MET A 585 26.50 -12.64 6.34
N SER A 586 25.82 -12.44 5.22
CA SER A 586 26.04 -13.26 4.04
C SER A 586 25.40 -12.52 2.89
N LYS A 587 25.91 -12.75 1.69
CA LYS A 587 25.36 -12.12 0.49
C LYS A 587 25.08 -13.30 -0.41
N ALA A 588 23.88 -13.39 -0.95
CA ALA A 588 23.58 -14.53 -1.78
C ALA A 588 22.45 -14.29 -2.75
N LEU A 589 22.49 -15.04 -3.84
CA LEU A 589 21.46 -14.95 -4.86
C LEU A 589 20.27 -15.75 -4.33
N GLN A 590 19.09 -15.15 -4.33
CA GLN A 590 17.91 -15.83 -3.84
C GLN A 590 16.89 -15.95 -4.97
N LYS A 591 16.59 -17.19 -5.36
CA LYS A 591 15.64 -17.46 -6.44
C LYS A 591 14.22 -17.69 -5.93
N GLY A 592 13.25 -17.41 -6.79
CA GLY A 592 11.87 -17.60 -6.42
C GLY A 592 10.96 -17.25 -7.59
N ALA A 593 9.65 -17.42 -7.40
CA ALA A 593 8.69 -17.11 -8.44
C ALA A 593 7.51 -16.45 -7.76
N TRP A 594 6.82 -15.59 -8.49
CA TRP A 594 5.67 -14.93 -7.92
C TRP A 594 4.59 -15.95 -7.51
N LYS A 595 4.49 -17.04 -8.27
CA LYS A 595 3.50 -18.07 -7.99
C LYS A 595 3.71 -18.66 -6.59
N ASP A 596 4.96 -18.66 -6.15
CA ASP A 596 5.30 -19.19 -4.83
C ASP A 596 4.52 -18.46 -3.74
N ILE A 597 4.21 -17.18 -3.98
CA ILE A 597 3.51 -16.38 -2.98
C ILE A 597 2.14 -15.95 -3.41
N ASN A 598 1.78 -16.25 -4.64
CA ASN A 598 0.46 -15.87 -5.14
C ASN A 598 0.10 -16.85 -6.24
N GLU A 599 -0.69 -17.84 -5.86
CA GLU A 599 -1.15 -18.90 -6.75
C GLU A 599 -1.47 -18.46 -8.18
N GLY A 600 -2.13 -17.31 -8.31
CA GLY A 600 -2.51 -16.82 -9.62
C GLY A 600 -1.45 -16.08 -10.42
N GLN A 601 -0.22 -16.04 -9.91
CA GLN A 601 0.86 -15.34 -10.61
C GLN A 601 1.69 -16.29 -11.45
N SER A 602 2.67 -15.75 -12.18
CA SER A 602 3.53 -16.56 -13.04
C SER A 602 4.55 -17.35 -12.26
N ASP A 603 4.84 -18.55 -12.76
CA ASP A 603 5.82 -19.41 -12.11
C ASP A 603 7.20 -19.17 -12.70
N LYS A 604 7.31 -18.18 -13.59
CA LYS A 604 8.61 -17.87 -14.19
C LYS A 604 9.57 -17.58 -13.05
N GLU A 605 10.79 -18.09 -13.15
CA GLU A 605 11.77 -17.88 -12.08
C GLU A 605 12.34 -16.46 -12.03
N VAL A 606 12.43 -15.92 -10.83
CA VAL A 606 12.95 -14.58 -10.59
C VAL A 606 14.13 -14.70 -9.63
N GLU A 607 15.04 -13.74 -9.66
CA GLU A 607 16.17 -13.79 -8.73
C GLU A 607 16.74 -12.42 -8.43
N ASN A 608 17.32 -12.31 -7.25
CA ASN A 608 17.91 -11.05 -6.78
C ASN A 608 18.97 -11.39 -5.75
N GLU A 609 19.93 -10.50 -5.60
CA GLU A 609 20.98 -10.71 -4.62
C GLU A 609 20.58 -9.98 -3.34
N PHE A 610 20.84 -10.62 -2.20
CA PHE A 610 20.47 -10.03 -0.91
C PHE A 610 21.63 -10.10 0.05
N LEU A 611 21.73 -9.07 0.88
CA LEU A 611 22.76 -9.00 1.91
C LEU A 611 21.95 -9.14 3.19
N THR A 612 22.25 -10.17 3.96
CA THR A 612 21.52 -10.45 5.19
C THR A 612 22.40 -10.29 6.41
N ILE A 613 21.88 -9.60 7.42
CA ILE A 613 22.59 -9.37 8.67
C ILE A 613 21.64 -9.78 9.79
N SER A 614 22.13 -10.55 10.75
CA SER A 614 21.26 -10.95 11.85
C SER A 614 22.02 -11.22 13.13
N GLN A 615 21.30 -11.19 14.24
CA GLN A 615 21.88 -11.44 15.55
C GLN A 615 21.12 -12.57 16.24
N ALA A 616 21.83 -13.65 16.55
CA ALA A 616 21.20 -14.79 17.20
C ALA A 616 21.01 -14.50 18.68
N HIS A 617 19.93 -15.04 19.24
CA HIS A 617 19.60 -14.88 20.64
C HIS A 617 19.55 -16.28 21.24
N LYS A 618 20.67 -16.72 21.77
CA LYS A 618 20.77 -18.06 22.32
C LYS A 618 20.38 -18.22 23.79
N GLN A 619 20.03 -17.14 24.46
CA GLN A 619 19.67 -17.25 25.87
C GLN A 619 18.45 -16.43 26.22
N ASN A 620 17.81 -16.77 27.33
CA ASN A 620 16.63 -16.05 27.77
C ASN A 620 17.11 -14.75 28.40
N GLY A 621 16.39 -13.67 28.16
CA GLY A 621 16.77 -12.38 28.69
C GLY A 621 17.78 -11.71 27.80
N ASP A 622 17.83 -12.14 26.53
CA ASP A 622 18.75 -11.59 25.55
C ASP A 622 18.23 -10.24 25.07
N SER A 623 19.05 -9.53 24.30
CA SER A 623 18.65 -8.23 23.80
C SER A 623 19.50 -7.81 22.61
N TYR A 624 19.10 -6.71 21.98
CA TYR A 624 19.82 -6.15 20.86
C TYR A 624 19.63 -4.65 20.90
N GLY A 625 20.60 -3.94 20.36
CA GLY A 625 20.54 -2.50 20.33
C GLY A 625 21.48 -1.94 19.30
N TYR A 626 20.92 -1.25 18.32
CA TYR A 626 21.74 -0.66 17.30
C TYR A 626 21.04 0.52 16.71
N MET A 627 21.84 1.43 16.15
CA MET A 627 21.32 2.63 15.52
C MET A 627 21.49 2.49 14.01
N LEU A 628 20.42 2.74 13.27
CA LEU A 628 20.49 2.65 11.82
C LEU A 628 20.75 4.07 11.30
N ILE A 629 21.87 4.27 10.63
CA ILE A 629 22.20 5.59 10.08
C ILE A 629 22.37 5.53 8.57
N PRO A 630 21.38 6.02 7.81
CA PRO A 630 21.48 6.00 6.35
C PRO A 630 21.94 7.34 5.74
N ASN A 631 22.25 7.31 4.45
CA ASN A 631 22.63 8.48 3.66
C ASN A 631 23.77 9.41 4.14
N VAL A 632 24.84 8.83 4.70
CA VAL A 632 26.00 9.60 5.11
C VAL A 632 27.18 8.80 4.59
N ASP A 633 28.29 9.46 4.27
CA ASP A 633 29.43 8.71 3.77
C ASP A 633 30.17 8.05 4.92
N ARG A 634 31.09 7.16 4.59
CA ARG A 634 31.86 6.44 5.59
C ARG A 634 32.50 7.27 6.68
N ALA A 635 33.26 8.30 6.28
CA ALA A 635 33.94 9.19 7.21
C ALA A 635 32.94 9.87 8.15
N THR A 636 31.80 10.28 7.62
CA THR A 636 30.81 10.93 8.44
C THR A 636 30.18 9.91 9.39
N PHE A 637 29.92 8.70 8.90
CA PHE A 637 29.35 7.64 9.71
C PHE A 637 30.26 7.34 10.89
N ASN A 638 31.54 7.09 10.59
CA ASN A 638 32.51 6.78 11.63
C ASN A 638 32.58 7.87 12.70
N GLN A 639 32.32 9.11 12.29
CA GLN A 639 32.36 10.22 13.21
C GLN A 639 31.08 10.26 14.04
N MET A 640 29.95 10.05 13.38
CA MET A 640 28.65 10.07 14.03
C MET A 640 28.50 9.02 15.13
N ILE A 641 29.09 7.85 14.94
CA ILE A 641 28.97 6.80 15.95
C ILE A 641 29.86 7.05 17.16
N LYS A 642 30.83 7.94 17.03
CA LYS A 642 31.69 8.24 18.17
C LYS A 642 30.90 9.14 19.09
N GLU A 643 30.15 10.07 18.50
CA GLU A 643 29.32 10.98 19.29
C GLU A 643 28.20 10.19 19.95
N LEU A 644 27.71 9.19 19.24
CA LEU A 644 26.62 8.31 19.69
C LEU A 644 27.08 7.28 20.71
N GLU A 645 28.35 7.37 21.10
CA GLU A 645 28.90 6.42 22.06
C GLU A 645 28.17 6.31 23.38
N SER A 646 27.29 7.26 23.67
CA SER A 646 26.57 7.20 24.93
C SER A 646 25.10 7.54 24.77
N SER A 647 24.56 7.28 23.58
CA SER A 647 23.15 7.56 23.31
C SER A 647 22.21 6.56 23.98
N LEU A 648 22.67 5.33 24.21
CA LEU A 648 21.83 4.32 24.85
C LEU A 648 21.69 4.64 26.32
N ILE A 649 20.48 5.03 26.74
CA ILE A 649 20.25 5.35 28.13
C ILE A 649 19.94 4.07 28.91
N GLU A 650 19.17 3.18 28.30
CA GLU A 650 18.80 1.93 28.95
C GLU A 650 18.10 0.99 27.99
N ASN A 651 18.17 -0.29 28.30
CA ASN A 651 17.53 -1.30 27.47
C ASN A 651 17.38 -2.60 28.26
N ASN A 652 16.38 -2.65 29.14
CA ASN A 652 16.12 -3.86 29.92
C ASN A 652 14.65 -4.26 29.79
N GLU A 653 14.18 -5.13 30.67
CA GLU A 653 12.79 -5.62 30.61
C GLU A 653 11.69 -4.61 30.93
N THR A 654 12.02 -3.49 31.57
CA THR A 654 11.01 -2.48 31.91
C THR A 654 11.22 -1.09 31.30
N LEU A 655 12.48 -0.75 31.00
CA LEU A 655 12.82 0.56 30.44
C LEU A 655 13.76 0.52 29.24
N GLN A 656 13.39 1.22 28.18
CA GLN A 656 14.19 1.30 26.96
C GLN A 656 14.25 2.78 26.55
N SER A 657 15.47 3.31 26.44
CA SER A 657 15.63 4.72 26.08
C SER A 657 16.93 5.08 25.38
N VAL A 658 16.80 5.96 24.40
CA VAL A 658 17.94 6.44 23.64
C VAL A 658 17.91 7.96 23.68
N TYR A 659 19.07 8.58 23.80
CA TYR A 659 19.18 10.03 23.89
C TYR A 659 20.00 10.64 22.76
N ASP A 660 19.45 11.67 22.12
CA ASP A 660 20.12 12.40 21.04
C ASP A 660 20.65 13.73 21.61
N ALA A 661 21.92 13.72 22.01
CA ALA A 661 22.55 14.91 22.59
C ALA A 661 22.52 16.14 21.68
N LYS A 662 22.69 15.92 20.38
CA LYS A 662 22.69 17.01 19.41
C LYS A 662 21.33 17.71 19.43
N GLN A 663 20.28 16.92 19.50
CA GLN A 663 18.92 17.42 19.49
C GLN A 663 18.34 17.74 20.85
N GLY A 664 18.85 17.08 21.89
CA GLY A 664 18.31 17.28 23.22
C GLY A 664 16.97 16.58 23.25
N VAL A 665 16.91 15.44 22.56
CA VAL A 665 15.68 14.65 22.48
C VAL A 665 15.89 13.28 23.10
N TRP A 666 14.88 12.81 23.83
CA TRP A 666 14.92 11.50 24.49
C TRP A 666 13.78 10.64 23.96
N GLY A 667 14.09 9.38 23.66
CA GLY A 667 13.08 8.44 23.22
C GLY A 667 12.96 7.49 24.40
N ILE A 668 11.75 7.27 24.94
CA ILE A 668 11.60 6.38 26.10
C ILE A 668 10.38 5.46 26.06
N VAL A 669 10.57 4.20 26.43
CA VAL A 669 9.48 3.24 26.48
C VAL A 669 9.49 2.59 27.85
N LYS A 670 8.39 2.73 28.59
CA LYS A 670 8.27 2.14 29.91
C LYS A 670 7.25 0.99 29.90
N TYR A 671 7.63 -0.16 30.43
CA TYR A 671 6.70 -1.30 30.47
C TYR A 671 5.97 -1.40 31.80
N ASP A 672 6.37 -0.60 32.79
CA ASP A 672 5.69 -0.60 34.08
C ASP A 672 5.60 0.81 34.66
N ASP A 673 4.84 0.96 35.74
CA ASP A 673 4.64 2.28 36.34
C ASP A 673 5.63 2.73 37.41
N SER A 674 6.83 2.16 37.40
CA SER A 674 7.83 2.56 38.37
C SER A 674 8.34 3.95 38.01
N VAL A 675 9.03 4.60 38.93
CA VAL A 675 9.59 5.94 38.69
C VAL A 675 10.95 5.81 38.02
N SER A 676 11.05 6.28 36.77
CA SER A 676 12.31 6.20 36.03
C SER A 676 12.95 7.57 35.91
N THR A 677 14.14 7.72 36.49
CA THR A 677 14.87 8.99 36.44
C THR A 677 15.75 8.95 35.20
N ILE A 678 15.59 9.94 34.33
CA ILE A 678 16.36 9.97 33.09
C ILE A 678 17.45 11.04 33.04
N SER A 679 18.65 10.61 32.69
CA SER A 679 19.80 11.50 32.56
C SER A 679 19.89 12.49 33.73
N ASN A 680 19.35 12.10 34.88
CA ASN A 680 19.38 12.95 36.05
C ASN A 680 18.75 14.32 35.83
N GLN A 681 17.83 14.42 34.87
CA GLN A 681 17.17 15.68 34.60
C GLN A 681 15.69 15.60 34.92
N PHE A 682 15.08 14.50 34.52
CA PHE A 682 13.66 14.32 34.75
C PHE A 682 13.28 12.91 35.15
N GLN A 683 12.00 12.74 35.44
CA GLN A 683 11.45 11.45 35.84
C GLN A 683 10.20 11.19 35.03
N VAL A 684 10.10 9.98 34.48
CA VAL A 684 8.94 9.59 33.70
C VAL A 684 8.26 8.60 34.64
N LEU A 685 6.94 8.73 34.80
CA LEU A 685 6.21 7.91 35.75
C LEU A 685 5.21 6.85 35.30
N LYS A 686 4.78 6.89 34.05
CA LYS A 686 3.79 5.91 33.61
C LYS A 686 4.20 4.95 32.51
N ARG A 687 3.62 3.76 32.55
CA ARG A 687 3.86 2.74 31.55
C ARG A 687 3.41 3.39 30.23
N GLY A 688 4.23 3.27 29.19
CA GLY A 688 3.88 3.87 27.92
C GLY A 688 5.08 4.29 27.09
N VAL A 689 4.83 5.10 26.07
CA VAL A 689 5.86 5.56 25.14
C VAL A 689 6.02 7.08 25.19
N TYR A 690 7.27 7.53 25.29
CA TYR A 690 7.58 8.95 25.38
C TYR A 690 8.59 9.45 24.36
N THR A 691 8.42 10.71 23.97
CA THR A 691 9.36 11.40 23.09
C THR A 691 9.37 12.80 23.72
N ILE A 692 10.50 13.13 24.34
CA ILE A 692 10.70 14.39 25.04
C ILE A 692 11.86 15.22 24.48
N ARG A 693 11.67 16.53 24.45
CA ARG A 693 12.71 17.44 23.96
C ARG A 693 12.97 18.54 24.98
N LYS A 694 14.24 18.76 25.32
CA LYS A 694 14.57 19.81 26.26
C LYS A 694 14.90 21.07 25.48
N GLU A 695 14.19 22.15 25.77
CA GLU A 695 14.42 23.43 25.12
C GLU A 695 14.71 24.43 26.23
N GLY A 696 15.99 24.58 26.56
CA GLY A 696 16.38 25.47 27.63
C GLY A 696 16.05 24.77 28.93
N ASP A 697 15.29 25.44 29.79
CA ASP A 697 14.90 24.85 31.06
C ASP A 697 13.51 24.25 30.89
N GLU A 698 13.01 24.30 29.65
CA GLU A 698 11.69 23.78 29.32
C GLU A 698 11.74 22.40 28.67
N TYR A 699 10.68 21.62 28.87
CA TYR A 699 10.59 20.29 28.31
C TYR A 699 9.31 20.15 27.51
N LYS A 700 9.46 19.66 26.28
CA LYS A 700 8.34 19.44 25.39
C LYS A 700 8.07 17.95 25.58
N ILE A 701 6.82 17.60 25.83
CA ILE A 701 6.49 16.20 26.10
C ILE A 701 5.48 15.59 25.16
N ALA A 702 5.79 14.40 24.67
CA ALA A 702 4.89 13.66 23.80
C ALA A 702 4.69 12.27 24.43
N TYR A 703 3.59 12.10 25.16
CA TYR A 703 3.30 10.82 25.83
C TYR A 703 2.12 10.08 25.23
N TYR A 704 2.29 8.77 25.07
CA TYR A 704 1.24 7.94 24.50
C TYR A 704 1.10 6.58 25.21
N ASN A 705 -0.13 6.27 25.63
CA ASN A 705 -0.42 4.99 26.25
C ASN A 705 -1.05 4.16 25.13
N PRO A 706 -0.30 3.21 24.57
CA PRO A 706 -0.82 2.39 23.46
C PRO A 706 -1.99 1.47 23.77
N GLU A 707 -2.16 1.09 25.04
CA GLU A 707 -3.26 0.21 25.42
C GLU A 707 -4.61 0.92 25.43
N THR A 708 -4.67 2.07 26.11
CA THR A 708 -5.92 2.83 26.17
C THR A 708 -6.02 3.75 24.96
N GLN A 709 -4.94 3.85 24.19
CA GLN A 709 -4.90 4.71 23.02
C GLN A 709 -5.18 6.15 23.40
N GLU A 710 -4.52 6.63 24.46
CA GLU A 710 -4.69 7.99 24.94
C GLU A 710 -3.38 8.59 25.40
N SER A 711 -3.37 9.91 25.50
CA SER A 711 -2.19 10.60 26.00
C SER A 711 -2.53 10.79 27.48
N ALA A 712 -1.95 11.80 28.11
CA ALA A 712 -2.23 12.05 29.51
C ALA A 712 -1.63 13.38 29.94
N PRO A 713 -2.20 14.00 30.98
CA PRO A 713 -1.69 15.28 31.48
C PRO A 713 -0.22 15.13 31.84
N ASP A 714 0.59 16.13 31.48
CA ASP A 714 2.01 16.12 31.75
C ASP A 714 2.39 15.68 33.17
N GLN A 715 1.70 16.22 34.18
CA GLN A 715 2.04 15.89 35.56
C GLN A 715 1.78 14.45 35.98
N GLU A 716 1.06 13.71 35.14
CA GLU A 716 0.75 12.32 35.44
C GLU A 716 1.87 11.38 34.99
N VAL A 717 2.60 11.80 33.95
CA VAL A 717 3.65 10.97 33.39
C VAL A 717 5.07 11.53 33.43
N PHE A 718 5.18 12.83 33.70
CA PHE A 718 6.49 13.48 33.70
C PHE A 718 6.73 14.39 34.89
N LYS A 719 7.91 14.30 35.46
CA LYS A 719 8.28 15.14 36.60
C LYS A 719 9.68 15.73 36.44
N LYS A 720 9.75 17.05 36.34
CA LYS A 720 11.05 17.70 36.21
C LYS A 720 11.75 17.55 37.55
N LEU A 721 13.02 17.16 37.53
CA LEU A 721 13.79 16.97 38.77
C LEU A 721 14.22 18.31 39.38
C1 NAG B . -15.08 -11.90 3.61
C2 NAG B . -15.01 -12.21 2.08
C3 NAG B . -14.43 -10.94 1.37
C4 NAG B . -15.40 -9.73 1.64
C5 NAG B . -15.47 -9.47 3.21
C6 NAG B . -16.42 -8.31 3.58
C7 NAG B . -14.25 -14.28 0.74
C8 NAG B . -13.20 -15.37 0.74
N2 NAG B . -14.10 -13.41 1.84
O1 NAG B . -15.61 -13.03 4.30
O3 NAG B . -14.38 -11.18 -0.08
O4 NAG B . -14.90 -8.51 1.02
O5 NAG B . -15.97 -10.70 3.90
O6 NAG B . -15.88 -7.40 4.59
O7 NAG B . -15.12 -14.19 -0.14
C1 BDP B . -13.25 -10.67 -0.77
C2 BDP B . -12.98 -11.45 -2.11
C3 BDP B . -11.72 -10.78 -2.74
C4 BDP B . -12.03 -9.27 -3.04
C5 BDP B . -12.47 -8.39 -1.74
C6 BDP B . -12.86 -7.09 -1.89
O2 BDP B . -12.72 -12.85 -1.86
O3 BDP B . -11.37 -11.44 -3.99
O4 BDP B . -10.85 -8.55 -3.56
O5 BDP B . -13.50 -9.26 -1.02
O6A BDP B . -13.35 -6.58 -0.85
O6B BDP B . -12.71 -6.59 -3.05
C1 NAG B . -10.66 -8.24 -4.94
C2 NAG B . -9.30 -7.46 -5.12
C3 NAG B . -9.13 -7.15 -6.62
C4 NAG B . -9.11 -8.50 -7.43
C5 NAG B . -10.47 -9.26 -7.19
C6 NAG B . -10.53 -10.61 -7.92
C7 NAG B . -8.11 -5.77 -3.65
C8 NAG B . -8.27 -4.44 -2.98
N2 NAG B . -9.27 -6.16 -4.34
O3 NAG B . -7.87 -6.35 -6.83
O4 NAG B . -8.97 -8.27 -8.85
O5 NAG B . -10.66 -9.53 -5.74
O6 NAG B . -9.32 -11.39 -7.76
O7 NAG B . -7.06 -6.41 -3.60
C1 BDP B . -8.20 -5.24 -7.65
C2 BDP B . -7.06 -4.20 -7.96
C3 BDP B . -7.72 -3.11 -8.89
C4 BDP B . -8.13 -3.87 -10.22
C5 BDP B . -9.20 -5.03 -10.03
C6 BDP B . -9.60 -5.76 -11.09
O2 BDP B . -6.63 -3.62 -6.70
O3 BDP B . -6.74 -2.10 -9.18
O4 BDP B . -8.87 -3.25 -11.36
O5 BDP B . -8.68 -5.83 -8.88
O6A BDP B . -10.76 -5.49 -11.49
O6B BDP B . -8.75 -6.58 -11.54
C1 NAG B . -8.75 -2.09 -12.17
C2 NAG B . -9.89 -2.25 -13.22
C3 NAG B . -9.94 -1.01 -14.13
C4 NAG B . -10.21 0.25 -13.20
C5 NAG B . -9.03 0.37 -12.15
C6 NAG B . -9.26 1.58 -11.21
C7 NAG B . -8.35 -4.05 -14.46
C8 NAG B . -8.47 -5.26 -15.37
N2 NAG B . -9.64 -3.49 -14.12
O3 NAG B . -11.04 -1.19 -15.10
O4 NAG B . -10.25 1.51 -14.00
O5 NAG B . -9.01 -0.88 -11.33
O6 NAG B . -10.47 2.32 -11.53
O7 NAG B . -7.25 -3.63 -14.08
C1 BDP B . -11.01 -0.44 -16.30
C2 BDP B . -12.21 -0.79 -17.08
C3 BDP B . -12.11 0.12 -18.31
C4 BDP B . -11.57 1.48 -18.48
C5 BDP B . -11.03 1.84 -17.30
C6 BDP B . -11.07 3.16 -16.78
O2 BDP B . -12.17 -2.17 -17.38
O3 BDP B . -13.32 -0.07 -19.11
O4 BDP B . -11.95 2.26 -19.13
O5 BDP B . -11.08 0.97 -16.06
O6A BDP B . -12.22 3.68 -16.64
O6B BDP B . -9.91 3.62 -16.46
#